data_7B19
#
_entry.id   7B19
#
_cell.length_a   89.187
_cell.length_b   149.031
_cell.length_c   153.930
_cell.angle_alpha   90.000
_cell.angle_beta   90.000
_cell.angle_gamma   90.000
#
_symmetry.space_group_name_H-M   'C 2 2 21'
#
loop_
_entity.id
_entity.type
_entity.pdbx_description
1 polymer 'Myosin-2 heavy chain,Myosin-2 heavy chain'
2 non-polymer 'ADP METAVANADATE'
3 non-polymer 'MAGNESIUM ION'
4 non-polymer GLYCEROL
5 non-polymer alpha-D-glucopyranose
6 non-polymer 'MALONATE ION'
7 non-polymer DI(HYDROXYETHYL)ETHER
8 water water
#
_entity_poly.entity_id   1
_entity_poly.type   'polypeptide(L)'
_entity_poly.pdbx_seq_one_letter_code
;MHHHHHHHDGTENPIHDRTSDYHKYLKVKQGDSDLFKLTVSDKRYIWYNPDPKERDSYECGEIVSETSDSFTFKTVDGQD
RQVKKDDANQRNPIKFDGVEDMSELSYLNEPAVFHNLRVRYNQDLIYTYSGLFLVAVNPFKRIPIYTQEMVDIFKGRRRN
EVAPHIFAISDVAYRSMLDDRQNQSLLITGESGAGKTENTKKVIQYLASVAGRNQANGSGVLEQQILQANPILEAFGNAK
TTRNNNSSRFGKFIEIQFNSAGFISGASIQSYLLEKSRVVFQSETERNYHIFYQLLAGATAEEKKALHLAGPESFNYLNQ
SGCVDIKGVSDSEEFKITRQAMDIVGFSQEEQMSIFKIIAGILHLGNIKFEKGAGEGAVLKDKTALNAASTVFGVNPSVL
EKALMEPRILAGRDLVAQHLNVEKSSSSRDALVKALYGRLFLWLVKKINNVLCQERKAYFIGVLDISGFEIFKVNSFEQL
CINYTNEKLQQFFNHHMFKLEQEEYLKEKINWTFIDFGLDSQATIDLIDGRQPPGILALLDEQSVFPNATDNTLITKLHS
HFSKKNAKYEEPRFSKTEFGVTHYAGQVMYEIQDWLEKNKDPLQQDLELCFKDSSDNVVTKLFNDPNIASRAKKGANFIT
VAAQYKEQLASLMATLEGGGNPHFVRCIIPNNKQLPAKLEDKVVLDQLRCNGVLEGIRITRKGFPNRIIYADFVKRYYLL
APNVPRDAEDSQKATDAVLKHLNIDPEQYRFGITKIFFRAGQLARIEEAREQRLESNEPPMDFDDDIPF
;
_entity_poly.pdbx_strand_id   A
#
# COMPACT_ATOMS: atom_id res chain seq x y z
N GLU A 12 32.02 -1.17 -21.32
CA GLU A 12 31.44 -1.94 -22.42
C GLU A 12 30.08 -2.49 -22.00
N ASN A 13 30.09 -3.30 -20.95
CA ASN A 13 28.86 -3.76 -20.28
C ASN A 13 28.89 -3.21 -18.86
N PRO A 14 28.02 -2.26 -18.51
CA PRO A 14 28.11 -1.66 -17.16
C PRO A 14 28.07 -2.66 -16.02
N ILE A 15 27.47 -3.85 -16.23
CA ILE A 15 27.33 -4.81 -15.13
C ILE A 15 28.69 -5.30 -14.65
N HIS A 16 29.60 -5.61 -15.58
CA HIS A 16 30.91 -6.14 -15.24
C HIS A 16 31.96 -5.05 -15.05
N ASP A 17 31.61 -3.80 -15.32
CA ASP A 17 32.53 -2.68 -15.25
C ASP A 17 32.45 -2.06 -13.86
N ARG A 18 33.50 -2.29 -13.05
CA ARG A 18 33.55 -1.76 -11.69
C ARG A 18 33.62 -0.23 -11.66
N THR A 19 33.89 0.41 -12.78
CA THR A 19 33.82 1.86 -12.88
C THR A 19 32.38 2.38 -12.97
N SER A 20 31.42 1.49 -13.17
CA SER A 20 30.09 1.93 -13.56
C SER A 20 29.30 2.53 -12.40
N ASP A 21 28.35 3.39 -12.75
CA ASP A 21 27.34 3.81 -11.80
C ASP A 21 26.55 2.61 -11.27
N TYR A 22 26.31 1.61 -12.13
CA TYR A 22 25.62 0.40 -11.70
C TYR A 22 26.40 -0.34 -10.64
N HIS A 23 27.74 -0.37 -10.75
CA HIS A 23 28.53 -1.02 -9.72
C HIS A 23 28.65 -0.12 -8.49
N LYS A 24 28.69 1.19 -8.69
CA LYS A 24 28.82 2.09 -7.56
C LYS A 24 27.58 2.05 -6.68
N TYR A 25 26.40 2.22 -7.28
CA TYR A 25 25.18 2.47 -6.53
C TYR A 25 24.31 1.24 -6.32
N LEU A 26 24.63 0.11 -6.97
CA LEU A 26 23.82 -1.09 -6.78
C LEU A 26 24.60 -2.35 -6.46
N LYS A 27 25.92 -2.27 -6.27
CA LYS A 27 26.72 -3.42 -5.89
C LYS A 27 27.47 -3.12 -4.61
N VAL A 28 27.77 -4.18 -3.85
CA VAL A 28 28.57 -4.05 -2.64
C VAL A 28 29.97 -3.55 -3.01
N LYS A 29 30.48 -2.61 -2.23
CA LYS A 29 31.85 -2.15 -2.42
C LYS A 29 32.82 -3.31 -2.23
N GLN A 30 33.94 -3.23 -2.96
CA GLN A 30 35.01 -4.20 -2.80
C GLN A 30 35.62 -4.10 -1.42
N GLY A 31 35.71 -5.23 -0.72
CA GLY A 31 36.42 -5.25 0.55
C GLY A 31 37.93 -5.17 0.36
N ASP A 32 38.61 -4.76 1.42
CA ASP A 32 40.05 -4.54 1.36
C ASP A 32 40.82 -5.70 2.01
N SER A 33 42.14 -5.55 2.06
CA SER A 33 43.02 -6.62 2.51
C SER A 33 42.70 -7.01 3.94
N ASP A 34 42.43 -6.03 4.80
CA ASP A 34 42.14 -6.35 6.20
C ASP A 34 40.87 -7.18 6.32
N LEU A 35 39.84 -6.84 5.54
CA LEU A 35 38.59 -7.59 5.58
C LEU A 35 38.78 -9.01 5.06
N PHE A 36 39.65 -9.19 4.07
CA PHE A 36 39.88 -10.53 3.54
C PHE A 36 40.44 -11.46 4.61
N LYS A 37 41.36 -10.96 5.43
CA LYS A 37 41.92 -11.79 6.50
C LYS A 37 40.85 -12.16 7.51
N LEU A 38 39.90 -11.26 7.76
CA LEU A 38 38.76 -11.60 8.61
C LEU A 38 37.90 -12.66 7.95
N THR A 39 37.70 -12.53 6.63
CA THR A 39 36.82 -13.44 5.92
C THR A 39 37.36 -14.87 5.92
N VAL A 40 38.68 -15.03 5.83
CA VAL A 40 39.23 -16.38 5.80
C VAL A 40 39.50 -16.92 7.20
N SER A 41 39.24 -16.12 8.24
CA SER A 41 39.38 -16.59 9.61
C SER A 41 38.42 -17.76 9.88
N ASP A 42 38.82 -18.60 10.83
CA ASP A 42 38.06 -19.77 11.24
C ASP A 42 37.18 -19.50 12.46
N LYS A 43 37.17 -18.29 12.98
CA LYS A 43 36.41 -18.00 14.18
C LYS A 43 34.90 -18.00 13.88
N ARG A 44 34.13 -18.47 14.86
CA ARG A 44 32.69 -18.52 14.78
C ARG A 44 32.08 -17.55 15.78
N TYR A 45 30.96 -16.94 15.42
CA TYR A 45 30.35 -15.92 16.26
C TYR A 45 28.85 -16.18 16.42
N ILE A 46 28.25 -15.41 17.30
CA ILE A 46 26.85 -15.56 17.66
C ILE A 46 26.25 -14.19 17.92
N TRP A 47 24.98 -14.04 17.55
CA TRP A 47 24.21 -12.84 17.87
C TRP A 47 23.51 -13.07 19.20
N TYR A 48 23.69 -12.14 20.15
CA TYR A 48 23.18 -12.31 21.49
C TYR A 48 22.62 -10.99 22.00
N ASN A 49 21.78 -11.09 23.04
CA ASN A 49 21.17 -9.91 23.63
C ASN A 49 21.94 -9.50 24.88
N PRO A 50 22.67 -8.38 24.88
CA PRO A 50 23.30 -7.93 26.13
C PRO A 50 22.29 -7.70 27.24
N ASP A 51 21.14 -7.12 26.92
CA ASP A 51 20.07 -6.89 27.87
C ASP A 51 18.91 -7.83 27.53
N PRO A 52 18.61 -8.83 28.36
CA PRO A 52 17.54 -9.77 27.98
C PRO A 52 16.15 -9.15 27.83
N LYS A 53 15.84 -8.04 28.51
CA LYS A 53 14.53 -7.44 28.27
C LYS A 53 14.48 -6.86 26.85
N GLU A 54 15.61 -6.40 26.32
CA GLU A 54 15.65 -5.82 24.98
C GLU A 54 16.01 -6.91 23.99
N ARG A 55 15.02 -7.68 23.55
CA ARG A 55 15.27 -8.88 22.77
C ARG A 55 15.62 -8.59 21.32
N ASP A 56 15.49 -7.35 20.86
CA ASP A 56 15.86 -6.99 19.49
C ASP A 56 17.19 -6.27 19.37
N SER A 57 17.88 -5.99 20.49
CA SER A 57 19.19 -5.35 20.48
C SER A 57 20.26 -6.44 20.61
N TYR A 58 21.19 -6.45 19.65
CA TYR A 58 22.16 -7.53 19.58
C TYR A 58 23.57 -6.99 19.49
N GLU A 59 24.51 -7.78 20.03
CA GLU A 59 25.94 -7.59 19.80
C GLU A 59 26.51 -8.87 19.22
N CYS A 60 27.72 -8.77 18.67
CA CYS A 60 28.44 -9.93 18.17
C CYS A 60 29.33 -10.50 19.26
N GLY A 61 29.24 -11.81 19.47
CA GLY A 61 30.10 -12.48 20.43
C GLY A 61 30.81 -13.66 19.80
N GLU A 62 32.04 -13.88 20.21
CA GLU A 62 32.85 -14.96 19.68
C GLU A 62 32.57 -16.24 20.46
N ILE A 63 32.28 -17.32 19.73
CA ILE A 63 32.15 -18.63 20.37
C ILE A 63 33.53 -19.12 20.75
N VAL A 64 33.71 -19.47 22.02
CA VAL A 64 35.02 -19.88 22.53
C VAL A 64 35.05 -21.35 22.94
N SER A 65 33.91 -21.98 23.19
CA SER A 65 33.89 -23.42 23.42
C SER A 65 32.48 -23.91 23.21
N GLU A 66 32.32 -25.23 23.25
CA GLU A 66 30.99 -25.81 23.09
C GLU A 66 30.91 -27.16 23.78
N THR A 67 29.76 -27.47 24.36
CA THR A 67 29.54 -28.76 24.90
C THR A 67 28.67 -29.50 23.87
N SER A 68 28.15 -30.66 24.19
CA SER A 68 27.26 -31.34 23.28
C SER A 68 26.00 -30.55 23.00
N ASP A 69 25.46 -29.86 24.00
CA ASP A 69 24.24 -29.11 23.80
C ASP A 69 24.30 -27.59 23.94
N SER A 70 25.46 -26.96 24.03
CA SER A 70 25.49 -25.52 24.21
C SER A 70 26.76 -24.91 23.64
N PHE A 71 26.68 -23.61 23.38
CA PHE A 71 27.83 -22.78 23.06
C PHE A 71 28.20 -21.96 24.28
N THR A 72 29.49 -21.73 24.50
CA THR A 72 29.96 -20.69 25.39
C THR A 72 30.60 -19.60 24.55
N PHE A 73 30.26 -18.35 24.82
CA PHE A 73 30.79 -17.24 24.02
C PHE A 73 31.19 -16.08 24.93
N LYS A 74 32.00 -15.20 24.36
CA LYS A 74 32.56 -14.05 25.06
C LYS A 74 31.81 -12.80 24.61
N THR A 75 31.26 -12.07 25.57
CA THR A 75 30.56 -10.83 25.24
C THR A 75 31.56 -9.75 24.82
N VAL A 76 31.04 -8.60 24.37
CA VAL A 76 31.91 -7.51 23.96
C VAL A 76 32.77 -7.04 25.13
N ASP A 77 32.19 -7.01 26.32
CA ASP A 77 32.92 -6.55 27.50
C ASP A 77 33.93 -7.57 28.00
N GLY A 78 33.80 -8.83 27.61
CA GLY A 78 34.76 -9.86 27.95
C GLY A 78 34.22 -10.98 28.82
N GLN A 79 33.01 -10.86 29.34
CA GLN A 79 32.46 -11.94 30.17
C GLN A 79 32.06 -13.13 29.30
N ASP A 80 31.99 -14.29 29.93
CA ASP A 80 31.58 -15.51 29.27
C ASP A 80 30.11 -15.77 29.53
N ARG A 81 29.45 -16.34 28.53
CA ARG A 81 28.05 -16.72 28.64
C ARG A 81 27.84 -18.02 27.87
N GLN A 82 26.83 -18.77 28.30
CA GLN A 82 26.42 -20.01 27.65
C GLN A 82 25.04 -19.83 27.04
N VAL A 83 24.74 -20.68 26.06
CA VAL A 83 23.41 -20.70 25.43
C VAL A 83 23.18 -22.08 24.86
N LYS A 84 22.02 -22.66 25.15
CA LYS A 84 21.59 -23.88 24.48
C LYS A 84 21.68 -23.66 22.97
N LYS A 85 22.27 -24.62 22.27
CA LYS A 85 22.41 -24.47 20.82
C LYS A 85 21.05 -24.33 20.15
N ASP A 86 20.00 -24.86 20.77
CA ASP A 86 18.66 -24.72 20.20
C ASP A 86 18.17 -23.28 20.24
N ASP A 87 18.75 -22.46 21.12
CA ASP A 87 18.33 -21.08 21.31
C ASP A 87 19.35 -20.09 20.78
N ALA A 88 20.34 -20.54 20.02
CA ALA A 88 21.45 -19.69 19.60
C ALA A 88 21.21 -19.16 18.19
N ASN A 89 21.49 -17.88 17.99
CA ASN A 89 21.39 -17.22 16.69
C ASN A 89 22.82 -17.03 16.17
N GLN A 90 23.31 -18.04 15.44
CA GLN A 90 24.67 -17.98 14.94
C GLN A 90 24.82 -16.85 13.93
N ARG A 91 25.95 -16.15 14.01
CA ARG A 91 26.29 -15.19 12.97
C ARG A 91 26.74 -15.94 11.72
N ASN A 92 26.39 -15.40 10.56
CA ASN A 92 26.83 -16.01 9.31
C ASN A 92 28.30 -15.67 9.06
N PRO A 93 29.08 -16.61 8.48
CA PRO A 93 30.40 -16.22 7.94
C PRO A 93 30.31 -14.90 7.21
N ILE A 94 31.18 -13.93 7.54
CA ILE A 94 31.02 -12.58 7.03
C ILE A 94 31.10 -12.48 5.52
N LYS A 95 31.51 -13.55 4.83
CA LYS A 95 31.46 -13.54 3.37
C LYS A 95 30.03 -13.35 2.87
N PHE A 96 29.04 -13.71 3.69
CA PHE A 96 27.64 -13.53 3.31
C PHE A 96 27.15 -12.10 3.50
N ASP A 97 27.86 -11.29 4.27
CA ASP A 97 27.41 -9.94 4.57
C ASP A 97 27.26 -9.15 3.28
N GLY A 98 26.03 -8.78 2.97
CA GLY A 98 25.71 -8.10 1.73
C GLY A 98 25.12 -8.96 0.66
N VAL A 99 24.96 -10.27 0.90
CA VAL A 99 24.41 -11.16 -0.11
C VAL A 99 23.11 -10.58 -0.65
N GLU A 100 22.88 -10.78 -1.95
CA GLU A 100 21.76 -10.13 -2.63
C GLU A 100 20.45 -10.90 -2.51
N ASP A 101 20.50 -12.20 -2.23
CA ASP A 101 19.33 -13.02 -1.95
C ASP A 101 19.61 -13.75 -0.65
N MET A 102 18.77 -13.53 0.36
CA MET A 102 18.96 -14.09 1.69
C MET A 102 18.45 -15.52 1.79
N SER A 103 17.85 -16.05 0.72
CA SER A 103 17.73 -17.49 0.53
C SER A 103 19.07 -18.16 0.84
N GLU A 104 20.16 -17.53 0.42
CA GLU A 104 21.48 -18.15 0.38
C GLU A 104 22.18 -18.18 1.72
N LEU A 105 21.63 -17.52 2.74
CA LEU A 105 22.31 -17.46 4.03
C LEU A 105 22.42 -18.86 4.63
N SER A 106 23.53 -19.10 5.32
CA SER A 106 23.74 -20.37 5.99
C SER A 106 22.87 -20.49 7.24
N TYR A 107 22.85 -19.45 8.07
CA TYR A 107 22.01 -19.38 9.26
C TYR A 107 20.90 -18.35 9.05
N LEU A 108 19.65 -18.78 9.21
CA LEU A 108 18.49 -17.93 9.01
C LEU A 108 17.84 -17.63 10.36
N ASN A 109 18.02 -16.40 10.84
CA ASN A 109 17.46 -15.98 12.12
C ASN A 109 17.32 -14.46 12.06
N GLU A 110 16.60 -13.92 13.03
CA GLU A 110 16.25 -12.49 12.99
C GLU A 110 17.48 -11.59 13.04
N PRO A 111 18.41 -11.75 13.99
CA PRO A 111 19.61 -10.90 13.96
C PRO A 111 20.41 -11.07 12.67
N ALA A 112 20.50 -12.28 12.15
CA ALA A 112 21.25 -12.50 10.92
C ALA A 112 20.61 -11.78 9.75
N VAL A 113 19.29 -11.93 9.58
CA VAL A 113 18.62 -11.27 8.46
C VAL A 113 18.72 -9.76 8.61
N PHE A 114 18.46 -9.25 9.81
CA PHE A 114 18.54 -7.80 10.01
C PHE A 114 19.94 -7.29 9.68
N HIS A 115 20.97 -8.00 10.16
CA HIS A 115 22.34 -7.58 9.91
C HIS A 115 22.62 -7.42 8.42
N ASN A 116 22.19 -8.39 7.63
CA ASN A 116 22.42 -8.32 6.18
C ASN A 116 21.81 -7.07 5.59
N LEU A 117 20.57 -6.77 5.95
CA LEU A 117 19.93 -5.55 5.44
C LEU A 117 20.67 -4.31 5.93
N ARG A 118 21.19 -4.36 7.16
CA ARG A 118 21.95 -3.23 7.69
C ARG A 118 23.21 -2.99 6.87
N VAL A 119 23.94 -4.06 6.55
CA VAL A 119 25.15 -3.89 5.75
C VAL A 119 24.81 -3.25 4.41
N ARG A 120 23.74 -3.72 3.76
CA ARG A 120 23.38 -3.18 2.45
C ARG A 120 22.84 -1.76 2.57
N TYR A 121 22.00 -1.52 3.59
CA TYR A 121 21.44 -0.19 3.80
C TYR A 121 22.54 0.85 3.99
N ASN A 122 23.55 0.53 4.80
CA ASN A 122 24.63 1.47 5.08
C ASN A 122 25.38 1.86 3.81
N GLN A 123 25.39 0.99 2.79
CA GLN A 123 25.91 1.34 1.48
C GLN A 123 24.84 1.89 0.54
N ASP A 124 23.67 2.28 1.06
CA ASP A 124 22.58 2.80 0.24
C ASP A 124 22.05 1.75 -0.75
N LEU A 125 22.16 0.48 -0.39
CA LEU A 125 21.55 -0.62 -1.15
C LEU A 125 20.24 -0.97 -0.45
N ILE A 126 19.13 -0.43 -0.97
CA ILE A 126 17.85 -0.57 -0.31
C ILE A 126 17.09 -1.81 -0.76
N TYR A 127 17.46 -2.43 -1.88
CA TYR A 127 16.78 -3.60 -2.37
C TYR A 127 17.59 -4.85 -2.02
N THR A 128 16.89 -5.87 -1.53
CA THR A 128 17.45 -7.19 -1.25
C THR A 128 16.35 -8.21 -1.52
N TYR A 129 16.73 -9.34 -2.12
CA TYR A 129 15.78 -10.42 -2.35
C TYR A 129 15.67 -11.28 -1.11
N SER A 130 14.44 -11.77 -0.85
CA SER A 130 14.18 -12.80 0.16
C SER A 130 13.48 -13.95 -0.55
N GLY A 131 14.27 -14.82 -1.18
CA GLY A 131 13.71 -15.83 -2.04
C GLY A 131 12.97 -15.20 -3.19
N LEU A 132 11.66 -15.41 -3.23
CA LEU A 132 10.84 -15.07 -4.39
C LEU A 132 10.30 -13.65 -4.37
N PHE A 133 10.46 -12.92 -3.27
CA PHE A 133 9.96 -11.56 -3.20
C PHE A 133 11.06 -10.59 -2.85
N LEU A 134 10.82 -9.32 -3.19
CA LEU A 134 11.76 -8.23 -2.97
C LEU A 134 11.46 -7.50 -1.67
N VAL A 135 12.51 -7.18 -0.93
CA VAL A 135 12.44 -6.32 0.24
C VAL A 135 13.01 -4.96 -0.12
N ALA A 136 12.30 -3.91 0.27
CA ALA A 136 12.69 -2.54 -0.05
C ALA A 136 12.66 -1.72 1.23
N VAL A 137 13.82 -1.19 1.63
CA VAL A 137 13.92 -0.37 2.83
C VAL A 137 13.97 1.10 2.41
N ASN A 138 13.10 1.91 3.01
CA ASN A 138 12.96 3.32 2.65
C ASN A 138 14.26 4.06 2.96
N PRO A 139 14.92 4.66 1.96
CA PRO A 139 16.15 5.42 2.26
C PRO A 139 15.91 6.81 2.83
N PHE A 140 14.77 7.44 2.56
CA PHE A 140 14.51 8.82 2.96
C PHE A 140 15.60 9.76 2.44
N LYS A 141 16.11 9.46 1.24
CA LYS A 141 17.01 10.31 0.49
C LYS A 141 17.01 9.82 -0.95
N ARG A 142 17.37 10.71 -1.87
CA ARG A 142 17.41 10.36 -3.28
C ARG A 142 18.62 9.47 -3.58
N ILE A 143 18.39 8.45 -4.38
CA ILE A 143 19.45 7.55 -4.85
C ILE A 143 19.43 7.54 -6.37
N PRO A 144 20.57 7.67 -7.05
CA PRO A 144 20.55 7.76 -8.52
C PRO A 144 20.51 6.38 -9.19
N ILE A 145 19.48 5.59 -8.86
CA ILE A 145 19.31 4.29 -9.46
C ILE A 145 18.04 4.19 -10.31
N TYR A 146 17.41 5.31 -10.62
CA TYR A 146 16.20 5.31 -11.44
C TYR A 146 16.34 6.16 -12.70
N THR A 147 17.56 6.41 -13.16
CA THR A 147 17.75 7.12 -14.42
C THR A 147 17.34 6.23 -15.58
N GLN A 148 17.23 6.83 -16.77
CA GLN A 148 16.99 6.02 -17.96
C GLN A 148 18.12 5.04 -18.22
N GLU A 149 19.36 5.42 -17.89
CA GLU A 149 20.49 4.51 -18.07
C GLU A 149 20.27 3.22 -17.29
N MET A 150 19.90 3.34 -16.01
CA MET A 150 19.63 2.16 -15.19
C MET A 150 18.45 1.36 -15.74
N VAL A 151 17.44 2.04 -16.29
CA VAL A 151 16.33 1.34 -16.93
C VAL A 151 16.84 0.47 -18.06
N ASP A 152 17.68 1.05 -18.92
CA ASP A 152 18.18 0.31 -20.08
C ASP A 152 18.99 -0.91 -19.67
N ILE A 153 19.69 -0.83 -18.54
CA ILE A 153 20.48 -1.97 -18.08
C ILE A 153 19.58 -3.13 -17.71
N PHE A 154 18.50 -2.86 -16.97
CA PHE A 154 17.63 -3.92 -16.48
C PHE A 154 16.74 -4.47 -17.59
N LYS A 155 16.48 -3.68 -18.62
CA LYS A 155 15.64 -4.12 -19.73
C LYS A 155 16.10 -5.48 -20.21
N GLY A 156 15.20 -6.46 -20.08
CA GLY A 156 15.37 -7.77 -20.63
C GLY A 156 16.18 -8.74 -19.81
N ARG A 157 16.83 -8.28 -18.73
CA ARG A 157 17.72 -9.16 -17.96
C ARG A 157 16.93 -9.98 -16.96
N ARG A 158 17.32 -11.26 -16.82
CA ARG A 158 16.71 -12.18 -15.87
C ARG A 158 17.22 -11.88 -14.46
N ARG A 159 16.46 -12.37 -13.48
CA ARG A 159 16.64 -11.90 -12.10
C ARG A 159 18.04 -12.20 -11.58
N ASN A 160 18.62 -13.34 -11.96
CA ASN A 160 19.95 -13.68 -11.48
C ASN A 160 21.01 -12.73 -12.02
N GLU A 161 20.87 -12.33 -13.28
CA GLU A 161 21.97 -11.62 -13.95
C GLU A 161 22.22 -10.24 -13.34
N VAL A 162 21.19 -9.61 -12.76
CA VAL A 162 21.30 -8.24 -12.29
C VAL A 162 21.12 -8.20 -10.78
N ALA A 163 21.43 -7.05 -10.20
CA ALA A 163 21.28 -6.83 -8.78
C ALA A 163 19.82 -6.62 -8.42
N PRO A 164 19.47 -6.68 -7.14
CA PRO A 164 18.07 -6.43 -6.74
C PRO A 164 17.65 -4.99 -7.05
N HIS A 165 16.48 -4.86 -7.68
CA HIS A 165 15.91 -3.58 -8.06
C HIS A 165 14.42 -3.76 -8.29
N ILE A 166 13.66 -2.70 -8.06
CA ILE A 166 12.24 -2.73 -8.41
C ILE A 166 12.07 -2.96 -9.91
N PHE A 167 12.97 -2.40 -10.71
CA PHE A 167 12.96 -2.64 -12.16
C PHE A 167 13.03 -4.14 -12.46
N ALA A 168 13.93 -4.85 -11.76
CA ALA A 168 14.14 -6.26 -12.04
C ALA A 168 12.86 -7.05 -11.85
N ILE A 169 12.17 -6.83 -10.73
CA ILE A 169 10.92 -7.55 -10.50
C ILE A 169 9.84 -7.08 -11.46
N SER A 170 9.83 -5.80 -11.84
CA SER A 170 8.90 -5.34 -12.87
C SER A 170 9.15 -6.07 -14.20
N ASP A 171 10.43 -6.17 -14.58
CA ASP A 171 10.76 -6.85 -15.83
C ASP A 171 10.31 -8.30 -15.81
N VAL A 172 10.53 -8.99 -14.68
CA VAL A 172 10.10 -10.39 -14.56
C VAL A 172 8.59 -10.50 -14.76
N ALA A 173 7.83 -9.57 -14.16
CA ALA A 173 6.38 -9.57 -14.35
C ALA A 173 6.03 -9.33 -15.80
N TYR A 174 6.79 -8.47 -16.48
CA TYR A 174 6.50 -8.18 -17.88
C TYR A 174 6.82 -9.36 -18.77
N ARG A 175 7.92 -10.06 -18.49
CA ARG A 175 8.25 -11.23 -19.30
C ARG A 175 7.28 -12.36 -19.01
N SER A 176 6.81 -12.48 -17.77
CA SER A 176 5.86 -13.53 -17.45
C SER A 176 4.52 -13.30 -18.14
N MET A 177 4.11 -12.04 -18.26
CA MET A 177 2.88 -11.72 -18.95
C MET A 177 2.89 -12.25 -20.38
N LEU A 178 4.02 -12.12 -21.07
CA LEU A 178 4.10 -12.51 -22.46
C LEU A 178 4.45 -13.99 -22.64
N ASP A 179 5.29 -14.54 -21.77
CA ASP A 179 5.63 -15.96 -21.90
C ASP A 179 4.43 -16.85 -21.57
N ASP A 180 3.53 -16.39 -20.71
CA ASP A 180 2.36 -17.17 -20.33
C ASP A 180 1.05 -16.59 -20.83
N ARG A 181 1.07 -15.38 -21.42
CA ARG A 181 -0.15 -14.75 -21.94
C ARG A 181 -1.22 -14.66 -20.85
N GLN A 182 -0.81 -14.11 -19.72
CA GLN A 182 -1.62 -14.04 -18.51
C GLN A 182 -1.39 -12.68 -17.86
N ASN A 183 -2.44 -12.11 -17.29
CA ASN A 183 -2.31 -10.88 -16.53
C ASN A 183 -1.48 -11.12 -15.28
N GLN A 184 -0.81 -10.05 -14.84
CA GLN A 184 0.13 -10.13 -13.73
C GLN A 184 -0.24 -9.12 -12.64
N SER A 185 0.15 -9.45 -11.42
CA SER A 185 -0.15 -8.62 -10.25
C SER A 185 1.16 -8.30 -9.54
N LEU A 186 1.42 -7.00 -9.36
CA LEU A 186 2.57 -6.53 -8.60
C LEU A 186 2.05 -5.84 -7.35
N LEU A 187 2.19 -6.50 -6.20
CA LEU A 187 1.58 -6.06 -4.95
C LEU A 187 2.67 -5.57 -4.01
N ILE A 188 2.57 -4.32 -3.58
CA ILE A 188 3.60 -3.63 -2.82
C ILE A 188 3.01 -3.36 -1.43
N THR A 189 3.45 -4.14 -0.45
CA THR A 189 2.95 -4.00 0.91
C THR A 189 3.83 -3.04 1.73
N GLY A 190 3.35 -2.69 2.90
CA GLY A 190 4.07 -1.83 3.83
C GLY A 190 3.17 -0.90 4.61
N GLU A 191 3.65 -0.49 5.79
CA GLU A 191 2.93 0.47 6.61
C GLU A 191 3.17 1.89 6.09
N SER A 192 2.43 2.83 6.66
CA SER A 192 2.49 4.21 6.22
C SER A 192 3.93 4.70 6.24
N GLY A 193 4.40 5.17 5.09
CA GLY A 193 5.73 5.75 4.96
C GLY A 193 6.83 4.81 4.55
N ALA A 194 6.50 3.55 4.26
CA ALA A 194 7.50 2.54 3.95
C ALA A 194 8.01 2.62 2.51
N GLY A 195 7.31 3.32 1.64
CA GLY A 195 7.76 3.54 0.28
C GLY A 195 6.93 2.91 -0.82
N LYS A 196 5.69 2.52 -0.54
CA LYS A 196 4.90 1.82 -1.54
C LYS A 196 4.62 2.71 -2.75
N THR A 197 4.31 3.98 -2.52
CA THR A 197 3.97 4.88 -3.63
C THR A 197 5.19 5.25 -4.46
N GLU A 198 6.34 5.48 -3.83
CA GLU A 198 7.55 5.74 -4.60
C GLU A 198 7.87 4.56 -5.53
N ASN A 199 7.79 3.34 -4.99
CA ASN A 199 8.12 2.16 -5.78
C ASN A 199 7.04 1.91 -6.84
N THR A 200 5.77 2.16 -6.50
CA THR A 200 4.70 2.06 -7.49
C THR A 200 5.02 2.90 -8.71
N LYS A 201 5.45 4.14 -8.50
CA LYS A 201 5.75 5.02 -9.63
C LYS A 201 6.96 4.52 -10.42
N LYS A 202 7.95 3.92 -9.75
CA LYS A 202 9.09 3.39 -10.49
C LYS A 202 8.67 2.24 -11.39
N VAL A 203 7.73 1.40 -10.92
CA VAL A 203 7.22 0.32 -11.74
C VAL A 203 6.62 0.87 -13.02
N ILE A 204 5.84 1.95 -12.90
CA ILE A 204 5.16 2.53 -14.06
C ILE A 204 6.17 3.21 -14.98
N GLN A 205 7.15 3.91 -14.41
CA GLN A 205 8.20 4.50 -15.23
C GLN A 205 8.88 3.42 -16.07
N TYR A 206 9.29 2.33 -15.43
CA TYR A 206 10.02 1.29 -16.14
C TYR A 206 9.21 0.76 -17.32
N LEU A 207 7.98 0.33 -17.06
CA LEU A 207 7.21 -0.31 -18.14
C LEU A 207 6.81 0.68 -19.22
N ALA A 208 6.70 1.97 -18.89
CA ALA A 208 6.38 2.96 -19.90
C ALA A 208 7.49 3.08 -20.94
N SER A 209 8.75 2.96 -20.52
CA SER A 209 9.83 3.06 -21.49
C SER A 209 10.17 1.72 -22.11
N VAL A 210 10.16 0.66 -21.32
CA VAL A 210 10.57 -0.65 -21.82
C VAL A 210 9.62 -1.14 -22.92
N ALA A 211 8.33 -0.80 -22.82
CA ALA A 211 7.34 -1.22 -23.82
C ALA A 211 6.61 -0.03 -24.43
N GLY A 212 7.20 1.17 -24.37
CA GLY A 212 6.58 2.35 -24.91
C GLY A 212 6.80 2.51 -26.40
N ARG A 213 6.19 3.57 -26.95
CA ARG A 213 6.27 3.85 -28.38
C ARG A 213 6.40 5.34 -28.65
N VAL A 221 2.77 10.13 -26.68
CA VAL A 221 2.30 11.01 -25.63
C VAL A 221 1.45 10.27 -24.61
N LEU A 222 0.86 9.15 -25.02
CA LEU A 222 0.19 8.29 -24.06
C LEU A 222 1.11 8.00 -22.88
N GLU A 223 2.34 7.62 -23.18
CA GLU A 223 3.31 7.28 -22.13
C GLU A 223 3.60 8.48 -21.24
N GLN A 224 3.74 9.68 -21.82
CA GLN A 224 3.87 10.88 -21.00
C GLN A 224 2.63 11.07 -20.13
N GLN A 225 1.44 10.82 -20.68
CA GLN A 225 0.21 11.08 -19.95
C GLN A 225 0.03 10.11 -18.78
N ILE A 226 0.31 8.83 -19.00
CA ILE A 226 0.29 7.87 -17.90
C ILE A 226 1.13 8.39 -16.74
N LEU A 227 2.34 8.86 -17.05
CA LEU A 227 3.24 9.33 -16.00
C LEU A 227 2.67 10.56 -15.29
N GLN A 228 1.89 11.37 -15.99
CA GLN A 228 1.37 12.60 -15.40
C GLN A 228 0.08 12.39 -14.60
N ALA A 229 -0.53 11.21 -14.69
CA ALA A 229 -1.75 10.96 -13.93
C ALA A 229 -1.49 11.03 -12.44
N ASN A 230 -0.47 10.34 -11.96
CA ASN A 230 -0.28 10.22 -10.51
C ASN A 230 0.05 11.56 -9.86
N PRO A 231 0.79 12.49 -10.48
CA PRO A 231 0.90 13.82 -9.89
C PRO A 231 -0.44 14.48 -9.65
N ILE A 232 -1.38 14.32 -10.58
CA ILE A 232 -2.70 14.91 -10.38
C ILE A 232 -3.34 14.34 -9.13
N LEU A 233 -3.41 13.01 -9.03
CA LEU A 233 -4.15 12.38 -7.95
C LEU A 233 -3.46 12.59 -6.60
N GLU A 234 -2.13 12.70 -6.59
CA GLU A 234 -1.44 13.00 -5.35
C GLU A 234 -1.72 14.41 -4.86
N ALA A 235 -1.94 15.36 -5.76
CA ALA A 235 -2.31 16.70 -5.31
C ALA A 235 -3.63 16.67 -4.55
N PHE A 236 -4.60 15.90 -5.03
CA PHE A 236 -5.92 15.88 -4.41
C PHE A 236 -6.12 14.74 -3.43
N GLY A 237 -5.28 13.71 -3.48
CA GLY A 237 -5.48 12.55 -2.63
C GLY A 237 -4.43 12.32 -1.58
N ASN A 238 -3.35 13.09 -1.58
CA ASN A 238 -2.25 12.93 -0.66
C ASN A 238 -2.19 14.09 0.32
N ALA A 239 -1.71 13.81 1.52
CA ALA A 239 -1.67 14.83 2.57
C ALA A 239 -0.60 14.47 3.58
N LYS A 240 -0.26 15.45 4.41
CA LYS A 240 0.70 15.23 5.48
C LYS A 240 -0.01 14.63 6.70
N THR A 241 0.44 13.44 7.11
CA THR A 241 0.08 12.85 8.38
C THR A 241 1.33 12.85 9.27
N THR A 242 1.13 12.46 10.54
CA THR A 242 2.26 12.38 11.45
C THR A 242 3.27 11.34 11.02
N ARG A 243 2.89 10.37 10.18
CA ARG A 243 3.78 9.29 9.80
C ARG A 243 4.41 9.47 8.42
N ASN A 244 3.86 10.34 7.58
CA ASN A 244 4.32 10.47 6.21
C ASN A 244 3.90 11.83 5.68
N ASN A 245 4.85 12.59 5.16
CA ASN A 245 4.59 13.93 4.65
C ASN A 245 3.86 13.90 3.32
N ASN A 246 3.84 12.74 2.66
CA ASN A 246 3.11 12.55 1.42
C ASN A 246 2.26 11.29 1.48
N SER A 247 1.46 11.17 2.55
CA SER A 247 0.60 10.02 2.74
C SER A 247 -0.50 9.97 1.67
N SER A 248 -0.68 8.79 1.07
CA SER A 248 -1.82 8.51 0.20
C SER A 248 -3.04 8.25 1.08
N ARG A 249 -4.03 9.16 1.05
CA ARG A 249 -5.26 9.02 1.80
C ARG A 249 -6.35 8.34 0.98
N PHE A 250 -5.95 7.58 -0.03
CA PHE A 250 -6.83 6.80 -0.88
C PHE A 250 -5.98 5.65 -1.38
N GLY A 251 -6.63 4.53 -1.71
CA GLY A 251 -5.96 3.40 -2.30
C GLY A 251 -6.16 3.34 -3.80
N LYS A 252 -5.24 2.66 -4.48
CA LYS A 252 -5.32 2.59 -5.93
C LYS A 252 -4.80 1.27 -6.46
N PHE A 253 -5.56 0.70 -7.39
CA PHE A 253 -5.13 -0.41 -8.23
C PHE A 253 -4.96 0.15 -9.63
N ILE A 254 -3.75 0.09 -10.16
CA ILE A 254 -3.46 0.65 -11.48
C ILE A 254 -3.21 -0.50 -12.45
N GLU A 255 -3.97 -0.53 -13.53
CA GLU A 255 -3.75 -1.47 -14.63
C GLU A 255 -2.87 -0.83 -15.69
N ILE A 256 -1.72 -1.42 -15.96
CA ILE A 256 -0.93 -1.07 -17.14
C ILE A 256 -1.30 -2.07 -18.22
N GLN A 257 -1.83 -1.57 -19.34
CA GLN A 257 -2.44 -2.42 -20.37
C GLN A 257 -1.54 -2.54 -21.59
N PHE A 258 -1.44 -3.76 -22.13
CA PHE A 258 -0.62 -4.02 -23.29
C PHE A 258 -1.44 -4.73 -24.36
N ASN A 259 -0.99 -4.60 -25.61
CA ASN A 259 -1.62 -5.29 -26.73
C ASN A 259 -0.99 -6.68 -26.88
N SER A 260 -1.50 -7.44 -27.85
CA SER A 260 -1.00 -8.81 -28.03
C SER A 260 0.49 -8.81 -28.37
N ALA A 261 0.97 -7.73 -28.99
CA ALA A 261 2.39 -7.64 -29.34
C ALA A 261 3.25 -7.41 -28.12
N GLY A 262 2.71 -6.74 -27.10
CA GLY A 262 3.44 -6.48 -25.87
C GLY A 262 3.79 -5.03 -25.62
N PHE A 263 3.19 -4.10 -26.36
CA PHE A 263 3.45 -2.68 -26.20
C PHE A 263 2.28 -2.03 -25.47
N ILE A 264 2.56 -0.89 -24.86
CA ILE A 264 1.56 -0.21 -24.04
C ILE A 264 0.37 0.15 -24.91
N SER A 265 -0.83 -0.26 -24.47
CA SER A 265 -2.10 0.15 -25.07
C SER A 265 -2.77 1.28 -24.29
N GLY A 266 -2.72 1.21 -22.97
CA GLY A 266 -3.36 2.21 -22.14
C GLY A 266 -3.24 1.85 -20.69
N ALA A 267 -4.12 2.45 -19.88
CA ALA A 267 -4.11 2.24 -18.43
C ALA A 267 -5.43 2.72 -17.86
N SER A 268 -5.87 2.06 -16.78
CA SER A 268 -7.04 2.46 -16.03
C SER A 268 -6.68 2.44 -14.55
N ILE A 269 -7.29 3.35 -13.79
CA ILE A 269 -7.05 3.47 -12.36
C ILE A 269 -8.35 3.20 -11.64
N GLN A 270 -8.29 2.34 -10.62
CA GLN A 270 -9.41 2.06 -9.73
C GLN A 270 -9.03 2.52 -8.33
N SER A 271 -9.64 3.62 -7.86
CA SER A 271 -9.31 4.20 -6.57
C SER A 271 -10.29 3.73 -5.50
N TYR A 272 -9.81 3.70 -4.25
CA TYR A 272 -10.60 3.24 -3.13
C TYR A 272 -10.50 4.19 -1.96
N LEU A 273 -11.64 4.40 -1.28
CA LEU A 273 -11.70 4.94 0.08
C LEU A 273 -10.87 6.21 0.27
N LEU A 274 -11.24 7.26 -0.45
CA LEU A 274 -10.68 8.57 -0.16
C LEU A 274 -11.08 8.99 1.25
N GLU A 275 -10.12 9.53 1.99
CA GLU A 275 -10.36 9.98 3.37
C GLU A 275 -10.92 11.41 3.35
N LYS A 276 -12.15 11.52 2.83
CA LYS A 276 -12.74 12.85 2.66
C LYS A 276 -13.06 13.53 3.98
N SER A 277 -13.05 12.81 5.09
CA SER A 277 -13.19 13.47 6.38
C SER A 277 -12.03 14.44 6.65
N ARG A 278 -10.87 14.24 6.01
CA ARG A 278 -9.73 15.12 6.24
C ARG A 278 -9.98 16.53 5.76
N VAL A 279 -10.91 16.72 4.82
CA VAL A 279 -11.15 18.06 4.28
C VAL A 279 -11.69 18.98 5.36
N VAL A 280 -12.41 18.45 6.34
CA VAL A 280 -13.04 19.27 7.38
C VAL A 280 -12.31 19.19 8.71
N PHE A 281 -11.38 18.25 8.88
CA PHE A 281 -10.71 18.09 10.15
C PHE A 281 -9.33 17.49 9.95
N GLN A 282 -8.38 18.02 10.72
CA GLN A 282 -7.01 17.48 10.73
C GLN A 282 -6.44 17.56 12.13
N SER A 283 -5.75 16.50 12.55
CA SER A 283 -5.14 16.49 13.86
C SER A 283 -4.00 17.52 13.93
N GLU A 284 -3.58 17.80 15.16
CA GLU A 284 -2.42 18.67 15.35
C GLU A 284 -1.22 18.10 14.60
N THR A 285 -0.46 19.00 13.99
CA THR A 285 0.73 18.79 13.16
C THR A 285 0.40 18.34 11.75
N GLU A 286 -0.85 18.02 11.42
CA GLU A 286 -1.17 17.46 10.11
C GLU A 286 -1.56 18.57 9.14
N ARG A 287 -1.87 18.17 7.90
CA ARG A 287 -2.34 19.10 6.88
C ARG A 287 -3.55 18.54 6.16
N ASN A 288 -4.34 19.46 5.59
CA ASN A 288 -5.34 19.11 4.60
C ASN A 288 -4.63 18.63 3.33
N TYR A 289 -5.41 18.31 2.30
CA TYR A 289 -4.84 17.81 1.06
C TYR A 289 -3.96 18.86 0.41
N HIS A 290 -2.88 18.40 -0.23
CA HIS A 290 -1.87 19.32 -0.77
C HIS A 290 -2.51 20.43 -1.60
N ILE A 291 -3.50 20.08 -2.42
CA ILE A 291 -4.01 21.01 -3.42
C ILE A 291 -4.43 22.33 -2.79
N PHE A 292 -5.07 22.28 -1.61
CA PHE A 292 -5.50 23.52 -0.97
C PHE A 292 -4.31 24.47 -0.80
N TYR A 293 -3.21 23.97 -0.23
CA TYR A 293 -2.04 24.81 -0.03
C TYR A 293 -1.40 25.21 -1.35
N GLN A 294 -1.44 24.33 -2.36
CA GLN A 294 -0.84 24.67 -3.65
C GLN A 294 -1.51 25.88 -4.29
N LEU A 295 -2.84 25.87 -4.35
CA LEU A 295 -3.53 26.95 -5.07
C LEU A 295 -3.32 28.29 -4.38
N LEU A 296 -3.64 28.38 -3.09
CA LEU A 296 -3.51 29.64 -2.39
C LEU A 296 -2.09 30.18 -2.45
N ALA A 297 -1.10 29.28 -2.47
CA ALA A 297 0.30 29.70 -2.56
C ALA A 297 0.71 30.05 -3.99
N GLY A 298 0.16 29.36 -5.00
CA GLY A 298 0.66 29.50 -6.35
C GLY A 298 -0.34 30.03 -7.36
N ALA A 299 -1.37 30.74 -6.91
CA ALA A 299 -2.39 31.27 -7.79
C ALA A 299 -2.03 32.69 -8.23
N THR A 300 -2.37 33.01 -9.48
CA THR A 300 -2.14 34.35 -10.00
C THR A 300 -3.05 35.36 -9.31
N ALA A 301 -2.66 36.63 -9.39
CA ALA A 301 -3.39 37.67 -8.68
C ALA A 301 -4.84 37.76 -9.15
N GLU A 302 -5.09 37.50 -10.43
CA GLU A 302 -6.46 37.46 -10.92
C GLU A 302 -7.25 36.35 -10.23
N GLU A 303 -6.66 35.16 -10.14
CA GLU A 303 -7.35 34.04 -9.53
C GLU A 303 -7.66 34.30 -8.06
N LYS A 304 -6.72 34.87 -7.32
CA LYS A 304 -6.95 35.13 -5.90
C LYS A 304 -8.15 36.03 -5.70
N LYS A 305 -8.31 37.04 -6.56
CA LYS A 305 -9.48 37.90 -6.47
C LYS A 305 -10.72 37.22 -7.05
N ALA A 306 -10.57 36.53 -8.19
CA ALA A 306 -11.72 35.85 -8.78
C ALA A 306 -12.35 34.88 -7.80
N LEU A 307 -11.52 34.19 -7.00
CA LEU A 307 -12.00 33.18 -6.09
C LEU A 307 -11.98 33.64 -4.63
N HIS A 308 -11.71 34.93 -4.39
CA HIS A 308 -11.74 35.52 -3.05
C HIS A 308 -10.77 34.80 -2.11
N LEU A 309 -9.55 34.58 -2.58
CA LEU A 309 -8.61 33.78 -1.83
C LEU A 309 -7.86 34.62 -0.80
N ALA A 310 -7.20 33.91 0.11
CA ALA A 310 -6.41 34.51 1.17
C ALA A 310 -5.28 33.54 1.50
N GLY A 311 -4.61 33.76 2.63
CA GLY A 311 -3.63 32.82 3.10
C GLY A 311 -4.29 31.67 3.84
N PRO A 312 -3.58 30.56 4.02
CA PRO A 312 -4.18 29.40 4.68
C PRO A 312 -4.64 29.70 6.11
N GLU A 313 -4.03 30.66 6.78
CA GLU A 313 -4.42 31.00 8.14
C GLU A 313 -5.82 31.61 8.20
N SER A 314 -6.37 32.02 7.06
CA SER A 314 -7.67 32.69 7.01
C SER A 314 -8.84 31.73 6.92
N PHE A 315 -8.60 30.44 6.72
CA PHE A 315 -9.66 29.46 6.53
C PHE A 315 -9.63 28.42 7.64
N ASN A 316 -10.81 28.12 8.19
CA ASN A 316 -10.91 27.19 9.31
C ASN A 316 -10.54 25.77 8.90
N TYR A 317 -10.67 25.43 7.63
CA TYR A 317 -10.25 24.12 7.17
C TYR A 317 -8.75 23.99 7.04
N LEU A 318 -8.01 25.10 7.14
CA LEU A 318 -6.59 25.08 6.93
C LEU A 318 -5.78 25.64 8.09
N ASN A 319 -6.43 26.07 9.18
CA ASN A 319 -5.75 26.85 10.20
C ASN A 319 -6.04 26.39 11.63
N GLN A 320 -6.40 25.11 11.81
CA GLN A 320 -6.65 24.53 13.12
C GLN A 320 -5.67 23.43 13.52
N SER A 321 -4.81 22.99 12.60
CA SER A 321 -3.81 21.99 12.91
C SER A 321 -2.49 22.60 13.34
N GLY A 322 -2.24 23.86 13.01
CA GLY A 322 -0.96 24.47 13.35
C GLY A 322 0.14 24.21 12.37
N CYS A 323 -0.15 23.55 11.24
CA CYS A 323 0.83 23.29 10.20
C CYS A 323 0.23 23.62 8.84
N VAL A 324 0.90 24.50 8.10
CA VAL A 324 0.50 24.90 6.76
C VAL A 324 1.59 24.68 5.73
N ASP A 325 2.75 24.13 6.12
CA ASP A 325 3.83 23.94 5.16
C ASP A 325 4.63 22.70 5.55
N ILE A 326 5.33 22.16 4.56
CA ILE A 326 6.10 20.93 4.69
C ILE A 326 7.56 21.24 4.38
N LYS A 327 8.46 20.77 5.25
CA LYS A 327 9.89 20.98 5.05
C LYS A 327 10.32 20.35 3.73
N GLY A 328 10.89 21.18 2.85
CA GLY A 328 11.41 20.70 1.58
C GLY A 328 10.42 20.67 0.44
N VAL A 329 9.28 21.34 0.57
CA VAL A 329 8.26 21.38 -0.46
C VAL A 329 7.87 22.83 -0.67
N SER A 330 7.80 23.25 -1.94
CA SER A 330 7.23 24.54 -2.31
C SER A 330 5.83 24.29 -2.87
N ASP A 331 4.81 24.59 -2.06
CA ASP A 331 3.44 24.47 -2.55
C ASP A 331 3.20 25.35 -3.76
N SER A 332 3.95 26.45 -3.88
CA SER A 332 3.81 27.30 -5.05
C SER A 332 4.34 26.61 -6.29
N GLU A 333 5.44 25.87 -6.14
CA GLU A 333 6.03 25.16 -7.26
C GLU A 333 5.24 23.90 -7.58
N GLU A 334 4.79 23.17 -6.56
CA GLU A 334 3.97 21.99 -6.81
C GLU A 334 2.70 22.38 -7.57
N PHE A 335 2.15 23.56 -7.30
CA PHE A 335 0.95 24.00 -8.03
C PHE A 335 1.26 24.14 -9.52
N LYS A 336 2.45 24.63 -9.86
CA LYS A 336 2.87 24.66 -11.26
C LYS A 336 2.94 23.25 -11.83
N ILE A 337 3.55 22.34 -11.07
CA ILE A 337 3.63 20.94 -11.50
C ILE A 337 2.24 20.35 -11.71
N THR A 338 1.33 20.60 -10.75
CA THR A 338 -0.01 20.04 -10.84
C THR A 338 -0.71 20.49 -12.11
N ARG A 339 -0.58 21.76 -12.47
CA ARG A 339 -1.27 22.27 -13.64
C ARG A 339 -0.71 21.65 -14.92
N GLN A 340 0.62 21.55 -15.02
CA GLN A 340 1.24 20.99 -16.21
C GLN A 340 0.78 19.56 -16.44
N ALA A 341 0.62 18.78 -15.37
CA ALA A 341 0.08 17.44 -15.51
C ALA A 341 -1.35 17.48 -16.04
N MET A 342 -2.16 18.40 -15.51
CA MET A 342 -3.52 18.55 -16.03
C MET A 342 -3.48 18.99 -17.50
N ASP A 343 -2.58 19.90 -17.85
CA ASP A 343 -2.46 20.32 -19.25
C ASP A 343 -2.12 19.14 -20.15
N ILE A 344 -1.17 18.30 -19.72
CA ILE A 344 -0.73 17.19 -20.56
C ILE A 344 -1.82 16.13 -20.67
N VAL A 345 -2.59 15.92 -19.60
CA VAL A 345 -3.62 14.88 -19.63
C VAL A 345 -4.83 15.34 -20.43
N GLY A 346 -5.08 16.64 -20.51
CA GLY A 346 -6.13 17.13 -21.40
C GLY A 346 -7.25 17.88 -20.72
N PHE A 347 -7.09 18.22 -19.44
CA PHE A 347 -8.05 19.10 -18.77
C PHE A 347 -7.98 20.49 -19.39
N SER A 348 -9.12 21.01 -19.83
CA SER A 348 -9.16 22.30 -20.48
C SER A 348 -8.78 23.41 -19.48
N GLN A 349 -8.76 24.66 -19.96
CA GLN A 349 -8.43 25.79 -19.10
C GLN A 349 -9.59 26.18 -18.18
N GLU A 350 -10.82 26.08 -18.68
CA GLU A 350 -12.05 26.35 -17.92
C GLU A 350 -12.46 25.14 -17.08
N GLU A 351 -12.15 23.92 -17.54
CA GLU A 351 -12.23 22.77 -16.67
C GLU A 351 -11.36 22.97 -15.44
N GLN A 352 -10.07 23.29 -15.65
CA GLN A 352 -9.17 23.50 -14.53
C GLN A 352 -9.67 24.62 -13.63
N MET A 353 -10.20 25.70 -14.22
CA MET A 353 -10.70 26.80 -13.41
C MET A 353 -11.95 26.38 -12.64
N SER A 354 -12.74 25.45 -13.18
CA SER A 354 -13.89 24.97 -12.45
C SER A 354 -13.46 24.12 -11.27
N ILE A 355 -12.39 23.35 -11.45
CA ILE A 355 -11.82 22.59 -10.34
C ILE A 355 -11.37 23.54 -9.23
N PHE A 356 -10.69 24.62 -9.59
CA PHE A 356 -10.21 25.54 -8.55
C PHE A 356 -11.37 26.27 -7.90
N LYS A 357 -12.42 26.58 -8.67
CA LYS A 357 -13.62 27.17 -8.07
C LYS A 357 -14.15 26.27 -6.96
N ILE A 358 -14.17 24.97 -7.21
CA ILE A 358 -14.67 24.01 -6.21
C ILE A 358 -13.75 24.00 -5.00
N ILE A 359 -12.44 23.85 -5.22
CA ILE A 359 -11.49 23.90 -4.12
C ILE A 359 -11.68 25.20 -3.34
N ALA A 360 -11.86 26.31 -4.04
CA ALA A 360 -12.10 27.59 -3.37
C ALA A 360 -13.42 27.55 -2.59
N GLY A 361 -14.47 27.03 -3.21
CA GLY A 361 -15.78 27.04 -2.56
C GLY A 361 -15.80 26.22 -1.28
N ILE A 362 -15.13 25.07 -1.29
CA ILE A 362 -15.00 24.27 -0.08
C ILE A 362 -14.40 25.10 1.05
N LEU A 363 -13.36 25.86 0.76
CA LEU A 363 -12.72 26.65 1.82
C LEU A 363 -13.68 27.71 2.35
N HIS A 364 -14.40 28.38 1.44
CA HIS A 364 -15.37 29.38 1.87
C HIS A 364 -16.52 28.74 2.65
N LEU A 365 -17.02 27.58 2.19
CA LEU A 365 -18.06 26.90 2.93
C LEU A 365 -17.64 26.69 4.38
N GLY A 366 -16.34 26.42 4.60
CA GLY A 366 -15.86 26.13 5.94
C GLY A 366 -15.79 27.34 6.84
N ASN A 367 -15.78 28.54 6.27
CA ASN A 367 -15.72 29.75 7.08
C ASN A 367 -17.11 30.24 7.49
N ILE A 368 -18.17 29.65 6.94
CA ILE A 368 -19.52 29.95 7.41
C ILE A 368 -19.58 29.68 8.90
N LYS A 369 -20.16 30.63 9.64
CA LYS A 369 -20.30 30.50 11.09
C LYS A 369 -21.77 30.50 11.45
N PHE A 370 -22.31 29.32 11.77
CA PHE A 370 -23.67 29.21 12.26
C PHE A 370 -23.71 29.58 13.73
N GLU A 371 -24.65 30.45 14.10
CA GLU A 371 -24.86 30.84 15.49
C GLU A 371 -26.30 30.59 15.89
N LYS A 372 -26.55 30.67 17.20
CA LYS A 372 -27.90 30.45 17.70
C LYS A 372 -28.78 31.66 17.40
N GLY A 373 -30.01 31.39 17.00
CA GLY A 373 -31.01 32.42 16.83
C GLY A 373 -31.80 32.64 18.10
N ALA A 374 -32.94 33.32 17.95
CA ALA A 374 -33.84 33.52 19.09
C ALA A 374 -34.18 32.18 19.75
N GLY A 375 -34.48 31.17 18.94
CA GLY A 375 -34.68 29.82 19.42
C GLY A 375 -33.42 28.97 19.30
N GLU A 376 -33.63 27.65 19.40
CA GLU A 376 -32.53 26.73 19.25
C GLU A 376 -32.07 26.62 17.81
N GLY A 377 -32.97 26.90 16.86
CA GLY A 377 -32.60 26.86 15.47
C GLY A 377 -31.48 27.85 15.17
N ALA A 378 -30.61 27.47 14.24
CA ALA A 378 -29.43 28.25 13.93
C ALA A 378 -29.76 29.39 12.96
N VAL A 379 -28.94 30.43 13.02
CA VAL A 379 -29.05 31.61 12.15
C VAL A 379 -27.66 31.90 11.60
N LEU A 380 -27.63 32.72 10.56
CA LEU A 380 -26.39 33.12 9.88
C LEU A 380 -26.39 34.64 9.76
N LYS A 381 -25.61 35.29 10.63
CA LYS A 381 -25.62 36.75 10.74
C LYS A 381 -24.60 37.42 9.82
N ASP A 382 -23.46 36.79 9.59
CA ASP A 382 -22.52 37.23 8.58
C ASP A 382 -22.63 36.30 7.38
N LYS A 383 -22.87 36.87 6.20
CA LYS A 383 -23.04 36.10 4.99
C LYS A 383 -21.88 36.25 4.02
N THR A 384 -20.71 36.71 4.50
CA THR A 384 -19.60 36.97 3.60
C THR A 384 -19.05 35.66 3.01
N ALA A 385 -18.97 34.61 3.83
CA ALA A 385 -18.44 33.34 3.35
C ALA A 385 -19.44 32.62 2.45
N LEU A 386 -20.72 32.58 2.88
CA LEU A 386 -21.75 31.95 2.05
C LEU A 386 -21.80 32.59 0.67
N ASN A 387 -21.75 33.93 0.61
CA ASN A 387 -21.84 34.60 -0.68
C ASN A 387 -20.65 34.25 -1.56
N ALA A 388 -19.44 34.29 -1.01
CA ALA A 388 -18.25 33.94 -1.80
C ALA A 388 -18.31 32.51 -2.29
N ALA A 389 -18.77 31.59 -1.44
CA ALA A 389 -18.95 30.21 -1.86
C ALA A 389 -20.01 30.11 -2.96
N SER A 390 -21.18 30.74 -2.72
CA SER A 390 -22.25 30.67 -3.71
C SER A 390 -21.75 31.17 -5.06
N THR A 391 -21.03 32.29 -5.05
CA THR A 391 -20.57 32.86 -6.31
C THR A 391 -19.68 31.88 -7.06
N VAL A 392 -18.66 31.34 -6.39
CA VAL A 392 -17.71 30.48 -7.12
C VAL A 392 -18.37 29.18 -7.55
N PHE A 393 -19.30 28.64 -6.75
CA PHE A 393 -20.00 27.41 -7.15
C PHE A 393 -21.06 27.67 -8.21
N GLY A 394 -21.57 28.89 -8.27
CA GLY A 394 -22.62 29.21 -9.22
C GLY A 394 -23.99 28.72 -8.78
N VAL A 395 -24.36 28.99 -7.53
CA VAL A 395 -25.67 28.62 -6.99
C VAL A 395 -26.23 29.80 -6.21
N ASN A 396 -27.54 29.74 -5.96
CA ASN A 396 -28.27 30.82 -5.30
C ASN A 396 -27.96 30.88 -3.82
N PRO A 397 -27.43 31.98 -3.30
CA PRO A 397 -27.02 31.97 -1.89
C PRO A 397 -28.16 31.66 -0.91
N SER A 398 -29.36 32.24 -1.13
CA SER A 398 -30.47 32.04 -0.19
C SER A 398 -31.06 30.65 -0.28
N VAL A 399 -31.06 30.06 -1.47
CA VAL A 399 -31.38 28.65 -1.58
C VAL A 399 -30.42 27.83 -0.74
N LEU A 400 -29.11 28.06 -0.92
CA LEU A 400 -28.11 27.33 -0.16
C LEU A 400 -28.30 27.55 1.33
N GLU A 401 -28.47 28.82 1.74
CA GLU A 401 -28.67 29.13 3.15
C GLU A 401 -29.84 28.33 3.73
N LYS A 402 -30.96 28.28 3.02
CA LYS A 402 -32.11 27.55 3.57
C LYS A 402 -31.88 26.04 3.52
N ALA A 403 -31.11 25.54 2.55
CA ALA A 403 -30.82 24.11 2.53
C ALA A 403 -29.89 23.71 3.67
N LEU A 404 -29.06 24.64 4.15
CA LEU A 404 -28.13 24.29 5.23
C LEU A 404 -28.85 24.24 6.57
N MET A 405 -29.58 25.29 6.93
CA MET A 405 -30.19 25.39 8.25
C MET A 405 -31.66 24.98 8.28
N GLU A 406 -32.29 24.82 7.11
CA GLU A 406 -33.70 24.44 7.08
C GLU A 406 -33.98 23.41 5.98
N PRO A 407 -33.28 22.28 5.97
CA PRO A 407 -33.61 21.24 4.99
C PRO A 407 -35.03 20.72 5.19
N ARG A 408 -35.67 20.36 4.08
CA ARG A 408 -36.98 19.70 4.12
C ARG A 408 -36.79 18.20 4.10
N ILE A 409 -37.49 17.51 4.99
CA ILE A 409 -37.53 16.06 5.04
C ILE A 409 -38.97 15.62 4.81
N LEU A 410 -39.18 14.32 4.70
CA LEU A 410 -40.52 13.75 4.77
C LEU A 410 -40.75 13.20 6.18
N ALA A 411 -41.93 13.44 6.73
CA ALA A 411 -42.43 12.79 7.93
C ALA A 411 -43.66 11.98 7.50
N GLY A 412 -43.50 10.67 7.40
CA GLY A 412 -44.46 9.86 6.65
C GLY A 412 -44.41 10.23 5.19
N ARG A 413 -45.46 10.87 4.68
CA ARG A 413 -45.43 11.46 3.34
C ARG A 413 -45.52 12.98 3.38
N ASP A 414 -45.69 13.57 4.55
CA ASP A 414 -45.81 15.02 4.70
C ASP A 414 -44.45 15.69 4.53
N LEU A 415 -44.48 16.91 3.99
CA LEU A 415 -43.30 17.71 3.77
C LEU A 415 -43.13 18.65 4.97
N VAL A 416 -42.05 18.47 5.72
CA VAL A 416 -41.80 19.25 6.93
C VAL A 416 -40.40 19.83 6.85
N ALA A 417 -40.28 21.13 7.13
CA ALA A 417 -39.00 21.81 7.09
C ALA A 417 -38.38 21.77 8.47
N GLN A 418 -37.14 21.28 8.54
CA GLN A 418 -36.39 21.31 9.78
C GLN A 418 -35.92 22.74 10.07
N HIS A 419 -35.53 22.97 11.31
CA HIS A 419 -34.73 24.16 11.65
C HIS A 419 -33.59 23.65 12.53
N LEU A 420 -32.46 23.36 11.92
CA LEU A 420 -31.38 22.71 12.66
C LEU A 420 -30.66 23.69 13.59
N ASN A 421 -30.11 23.14 14.66
CA ASN A 421 -29.32 23.95 15.59
C ASN A 421 -27.92 24.19 15.01
N VAL A 422 -27.07 24.86 15.80
CA VAL A 422 -25.74 25.22 15.33
C VAL A 422 -24.93 23.97 15.01
N GLU A 423 -24.92 23.00 15.92
CA GLU A 423 -24.15 21.78 15.73
C GLU A 423 -24.54 21.06 14.44
N LYS A 424 -25.85 20.85 14.23
CA LYS A 424 -26.31 20.07 13.09
C LYS A 424 -26.23 20.87 11.79
N SER A 425 -26.34 22.20 11.86
CA SER A 425 -26.05 23.00 10.68
C SER A 425 -24.59 22.87 10.29
N SER A 426 -23.67 22.87 11.26
CA SER A 426 -22.25 22.70 10.97
C SER A 426 -21.96 21.31 10.40
N SER A 427 -22.65 20.28 10.91
CA SER A 427 -22.41 18.93 10.39
C SER A 427 -22.89 18.79 8.95
N SER A 428 -24.06 19.37 8.64
CA SER A 428 -24.56 19.31 7.29
C SER A 428 -23.63 20.04 6.32
N ARG A 429 -23.17 21.23 6.71
CA ARG A 429 -22.18 21.95 5.91
C ARG A 429 -20.94 21.08 5.69
N ASP A 430 -20.50 20.38 6.73
CA ASP A 430 -19.37 19.45 6.58
C ASP A 430 -19.73 18.33 5.62
N ALA A 431 -20.96 17.79 5.72
CA ALA A 431 -21.39 16.73 4.82
C ALA A 431 -21.34 17.20 3.36
N LEU A 432 -21.79 18.43 3.11
CA LEU A 432 -21.71 18.98 1.77
C LEU A 432 -20.27 19.06 1.28
N VAL A 433 -19.36 19.51 2.17
CA VAL A 433 -17.98 19.70 1.77
C VAL A 433 -17.34 18.36 1.41
N LYS A 434 -17.53 17.35 2.27
CA LYS A 434 -16.95 16.05 1.98
C LYS A 434 -17.57 15.41 0.74
N ALA A 435 -18.84 15.69 0.46
CA ALA A 435 -19.45 15.15 -0.75
C ALA A 435 -18.88 15.82 -2.00
N LEU A 436 -18.71 17.14 -1.95
CA LEU A 436 -18.12 17.84 -3.10
C LEU A 436 -16.71 17.35 -3.37
N TYR A 437 -15.90 17.17 -2.32
CA TYR A 437 -14.52 16.80 -2.56
C TYR A 437 -14.40 15.36 -3.06
N GLY A 438 -15.19 14.46 -2.50
CA GLY A 438 -15.11 13.06 -2.90
C GLY A 438 -15.59 12.85 -4.33
N ARG A 439 -16.57 13.65 -4.77
CA ARG A 439 -17.08 13.53 -6.12
C ARG A 439 -16.14 14.19 -7.12
N LEU A 440 -15.53 15.31 -6.74
CA LEU A 440 -14.47 15.88 -7.55
C LEU A 440 -13.34 14.88 -7.74
N PHE A 441 -12.94 14.21 -6.66
CA PHE A 441 -11.86 13.23 -6.80
C PHE A 441 -12.26 12.11 -7.76
N LEU A 442 -13.47 11.57 -7.60
CA LEU A 442 -13.96 10.53 -8.51
C LEU A 442 -14.05 11.03 -9.95
N TRP A 443 -14.39 12.31 -10.13
CA TRP A 443 -14.45 12.86 -11.48
C TRP A 443 -13.06 12.94 -12.11
N LEU A 444 -12.07 13.41 -11.33
CA LEU A 444 -10.69 13.44 -11.84
C LEU A 444 -10.27 12.06 -12.32
N VAL A 445 -10.52 11.04 -11.51
CA VAL A 445 -10.13 9.68 -11.88
C VAL A 445 -10.80 9.27 -13.18
N LYS A 446 -12.09 9.57 -13.33
CA LYS A 446 -12.83 9.14 -14.50
C LYS A 446 -12.36 9.88 -15.73
N LYS A 447 -12.22 11.20 -15.63
CA LYS A 447 -11.71 11.97 -16.75
C LYS A 447 -10.37 11.41 -17.21
N ILE A 448 -9.51 11.06 -16.26
CA ILE A 448 -8.19 10.55 -16.60
C ILE A 448 -8.30 9.20 -17.28
N ASN A 449 -9.14 8.31 -16.74
CA ASN A 449 -9.25 6.97 -17.31
C ASN A 449 -9.71 7.03 -18.76
N ASN A 450 -10.54 8.00 -19.12
CA ASN A 450 -11.05 8.09 -20.48
C ASN A 450 -9.99 8.55 -21.46
N VAL A 451 -9.01 9.32 -20.99
CA VAL A 451 -7.88 9.68 -21.84
C VAL A 451 -6.96 8.47 -22.03
N LEU A 452 -6.68 7.76 -20.96
CA LEU A 452 -5.66 6.74 -20.96
C LEU A 452 -6.17 5.37 -21.41
N CYS A 453 -7.47 5.22 -21.61
CA CYS A 453 -8.06 3.94 -22.03
C CYS A 453 -8.83 4.19 -23.32
N GLN A 454 -8.16 3.99 -24.46
CA GLN A 454 -8.77 4.14 -25.78
C GLN A 454 -8.47 2.95 -26.68
N GLU A 455 -8.16 1.79 -26.10
CA GLU A 455 -7.83 0.61 -26.88
C GLU A 455 -8.08 -0.62 -26.03
N ARG A 456 -8.85 -1.57 -26.57
CA ARG A 456 -9.15 -2.79 -25.84
C ARG A 456 -7.86 -3.53 -25.51
N LYS A 457 -7.59 -3.69 -24.22
CA LYS A 457 -6.38 -4.36 -23.77
C LYS A 457 -6.27 -5.76 -24.36
N ALA A 458 -5.05 -6.28 -24.40
CA ALA A 458 -4.81 -7.71 -24.60
C ALA A 458 -4.40 -8.40 -23.31
N TYR A 459 -3.52 -7.75 -22.53
CA TYR A 459 -3.17 -8.16 -21.18
C TYR A 459 -2.99 -6.90 -20.33
N PHE A 460 -2.78 -7.08 -19.03
CA PHE A 460 -2.37 -5.98 -18.17
C PHE A 460 -1.49 -6.51 -17.04
N ILE A 461 -0.72 -5.59 -16.48
CA ILE A 461 -0.01 -5.79 -15.21
C ILE A 461 -0.64 -4.82 -14.22
N GLY A 462 -1.25 -5.34 -13.16
CA GLY A 462 -1.95 -4.52 -12.20
C GLY A 462 -1.11 -4.23 -10.96
N VAL A 463 -0.86 -2.94 -10.72
CA VAL A 463 -0.02 -2.49 -9.61
C VAL A 463 -0.93 -1.97 -8.49
N LEU A 464 -0.81 -2.56 -7.30
CA LEU A 464 -1.63 -2.20 -6.15
C LEU A 464 -0.84 -1.32 -5.18
N ASP A 465 -1.36 -0.12 -4.92
CA ASP A 465 -0.76 0.83 -3.99
C ASP A 465 -1.85 1.32 -3.02
N ILE A 466 -1.95 0.66 -1.88
CA ILE A 466 -3.00 0.96 -0.92
C ILE A 466 -2.45 1.90 0.14
N SER A 467 -3.36 2.47 0.94
CA SER A 467 -2.97 3.13 2.18
C SER A 467 -2.47 2.09 3.17
N GLY A 468 -1.27 2.31 3.70
CA GLY A 468 -0.66 1.33 4.56
C GLY A 468 -1.09 1.44 6.01
N PHE A 469 -0.74 0.39 6.76
CA PHE A 469 -1.08 0.28 8.17
C PHE A 469 -0.67 1.54 8.93
N GLU A 470 -1.61 2.07 9.72
CA GLU A 470 -1.33 3.25 10.52
C GLU A 470 -2.05 3.19 11.85
N ILE A 471 -1.38 3.74 12.87
CA ILE A 471 -1.92 3.90 14.21
C ILE A 471 -1.65 5.34 14.65
N PHE A 472 -2.67 5.97 15.20
CA PHE A 472 -2.59 7.28 15.80
C PHE A 472 -3.15 7.20 17.22
N LYS A 473 -3.10 8.32 17.92
CA LYS A 473 -3.71 8.37 19.26
C LYS A 473 -5.20 8.09 19.16
N VAL A 474 -5.85 8.65 18.15
CA VAL A 474 -7.27 8.45 17.90
C VAL A 474 -7.43 7.80 16.53
N ASN A 475 -7.83 6.54 16.54
CA ASN A 475 -8.10 5.77 15.32
C ASN A 475 -9.60 5.68 15.16
N SER A 476 -10.09 5.96 13.95
CA SER A 476 -11.52 5.97 13.68
C SER A 476 -11.87 4.96 12.59
N PHE A 477 -13.12 5.05 12.13
CA PHE A 477 -13.63 4.17 11.08
C PHE A 477 -12.70 4.12 9.87
N GLU A 478 -12.16 5.28 9.47
CA GLU A 478 -11.25 5.28 8.32
C GLU A 478 -10.04 4.39 8.57
N GLN A 479 -9.52 4.40 9.81
CA GLN A 479 -8.34 3.59 10.14
C GLN A 479 -8.65 2.10 10.15
N LEU A 480 -9.87 1.71 10.57
CA LEU A 480 -10.23 0.31 10.53
C LEU A 480 -10.35 -0.20 9.09
N CYS A 481 -10.94 0.59 8.20
CA CYS A 481 -11.00 0.19 6.81
C CYS A 481 -9.59 0.09 6.22
N ILE A 482 -8.72 1.04 6.54
CA ILE A 482 -7.35 0.99 6.02
C ILE A 482 -6.65 -0.26 6.56
N ASN A 483 -6.72 -0.48 7.87
CA ASN A 483 -5.96 -1.58 8.45
C ASN A 483 -6.54 -2.93 8.05
N TYR A 484 -7.85 -2.99 7.85
CA TYR A 484 -8.47 -4.22 7.39
C TYR A 484 -7.96 -4.61 6.02
N THR A 485 -7.80 -3.62 5.14
CA THR A 485 -7.24 -3.87 3.82
C THR A 485 -5.81 -4.38 3.94
N ASN A 486 -5.00 -3.75 4.79
CA ASN A 486 -3.63 -4.22 4.99
C ASN A 486 -3.63 -5.65 5.56
N GLU A 487 -4.59 -5.97 6.43
CA GLU A 487 -4.69 -7.33 6.97
C GLU A 487 -5.02 -8.35 5.87
N LYS A 488 -5.83 -7.96 4.89
CA LYS A 488 -6.23 -8.90 3.84
C LYS A 488 -5.09 -9.15 2.86
N LEU A 489 -4.30 -8.13 2.54
CA LEU A 489 -3.15 -8.32 1.67
C LEU A 489 -2.10 -9.20 2.29
N GLN A 490 -1.92 -9.10 3.61
CA GLN A 490 -0.98 -9.97 4.30
C GLN A 490 -1.44 -11.43 4.26
N GLN A 491 -2.75 -11.66 4.43
CA GLN A 491 -3.28 -13.01 4.30
C GLN A 491 -3.09 -13.52 2.87
N PHE A 492 -3.26 -12.64 1.89
CA PHE A 492 -3.00 -13.02 0.51
C PHE A 492 -1.55 -13.45 0.32
N PHE A 493 -0.61 -12.74 0.93
CA PHE A 493 0.79 -13.18 0.92
C PHE A 493 0.94 -14.53 1.60
N ASN A 494 0.38 -14.67 2.82
CA ASN A 494 0.42 -15.96 3.49
C ASN A 494 -0.19 -17.06 2.62
N HIS A 495 -1.30 -16.75 1.96
CA HIS A 495 -2.01 -17.77 1.19
C HIS A 495 -1.14 -18.35 0.09
N HIS A 496 -0.43 -17.49 -0.64
CA HIS A 496 0.27 -17.96 -1.83
C HIS A 496 1.62 -18.59 -1.48
N MET A 497 2.32 -18.05 -0.48
CA MET A 497 3.67 -18.53 -0.18
C MET A 497 3.66 -19.80 0.66
N PHE A 498 2.64 -19.99 1.49
CA PHE A 498 2.61 -21.13 2.39
C PHE A 498 1.51 -22.13 2.08
N LYS A 499 0.26 -21.69 1.95
CA LYS A 499 -0.81 -22.66 1.78
C LYS A 499 -0.85 -23.21 0.36
N LEU A 500 -0.91 -22.34 -0.65
CA LEU A 500 -0.96 -22.81 -2.03
C LEU A 500 0.32 -23.55 -2.41
N GLU A 501 1.48 -23.03 -1.99
CA GLU A 501 2.74 -23.69 -2.30
C GLU A 501 2.75 -25.14 -1.86
N GLN A 502 2.34 -25.40 -0.62
CA GLN A 502 2.41 -26.77 -0.11
C GLN A 502 1.31 -27.63 -0.73
N GLU A 503 0.13 -27.06 -0.96
CA GLU A 503 -0.96 -27.84 -1.53
C GLU A 503 -0.61 -28.34 -2.92
N GLU A 504 0.20 -27.58 -3.65
CA GLU A 504 0.69 -28.11 -4.92
C GLU A 504 1.65 -29.27 -4.69
N TYR A 505 2.48 -29.17 -3.64
CA TYR A 505 3.34 -30.30 -3.29
C TYR A 505 2.52 -31.54 -3.01
N LEU A 506 1.49 -31.40 -2.15
CA LEU A 506 0.65 -32.54 -1.81
C LEU A 506 0.01 -33.14 -3.05
N LYS A 507 -0.51 -32.29 -3.93
CA LYS A 507 -1.18 -32.78 -5.13
C LYS A 507 -0.25 -33.68 -5.94
N GLU A 508 1.04 -33.34 -6.00
CA GLU A 508 2.01 -34.05 -6.81
C GLU A 508 2.72 -35.17 -6.04
N LYS A 509 2.30 -35.44 -4.80
CA LYS A 509 2.69 -36.63 -4.06
C LYS A 509 4.20 -36.79 -3.99
N ILE A 510 4.88 -35.73 -3.56
CA ILE A 510 6.33 -35.75 -3.38
C ILE A 510 6.72 -36.11 -1.95
N ASN A 511 5.79 -36.64 -1.17
CA ASN A 511 6.12 -37.14 0.17
C ASN A 511 6.70 -36.01 1.02
N TRP A 512 6.10 -34.84 0.86
CA TRP A 512 6.28 -33.67 1.71
C TRP A 512 5.22 -33.70 2.80
N THR A 513 5.65 -33.61 4.05
CA THR A 513 4.73 -33.53 5.17
C THR A 513 4.64 -32.09 5.65
N PHE A 514 3.40 -31.63 5.83
CA PHE A 514 3.02 -30.23 5.97
C PHE A 514 3.74 -29.53 7.12
N ILE A 515 3.95 -28.23 6.94
CA ILE A 515 4.53 -27.37 7.96
C ILE A 515 3.51 -26.31 8.34
N ASP A 516 3.43 -26.01 9.64
CA ASP A 516 2.64 -24.89 10.13
C ASP A 516 3.57 -23.71 10.39
N PHE A 517 3.46 -22.67 9.58
CA PHE A 517 4.30 -21.49 9.73
C PHE A 517 3.70 -20.46 10.68
N GLY A 518 2.59 -20.80 11.34
CA GLY A 518 2.05 -19.94 12.37
C GLY A 518 1.75 -18.54 11.93
N LEU A 519 1.25 -18.37 10.70
CA LEU A 519 0.91 -17.05 10.18
C LEU A 519 -0.48 -17.12 9.57
N ASP A 520 -1.48 -16.70 10.34
CA ASP A 520 -2.87 -16.72 9.90
C ASP A 520 -3.53 -15.42 10.37
N SER A 521 -3.92 -14.58 9.42
CA SER A 521 -4.65 -13.37 9.69
C SER A 521 -6.15 -13.56 9.58
N GLN A 522 -6.62 -14.79 9.33
CA GLN A 522 -8.02 -15.00 8.98
C GLN A 522 -8.95 -14.70 10.14
N ALA A 523 -8.56 -15.09 11.36
CA ALA A 523 -9.40 -14.85 12.52
C ALA A 523 -9.66 -13.35 12.69
N THR A 524 -8.63 -12.54 12.52
CA THR A 524 -8.85 -11.09 12.58
C THR A 524 -9.72 -10.63 11.42
N ILE A 525 -9.52 -11.22 10.24
CA ILE A 525 -10.32 -10.86 9.09
C ILE A 525 -11.79 -11.18 9.33
N ASP A 526 -12.07 -12.36 9.91
CA ASP A 526 -13.46 -12.75 10.14
C ASP A 526 -14.12 -11.86 11.17
N LEU A 527 -13.41 -11.51 12.24
CA LEU A 527 -13.95 -10.59 13.23
C LEU A 527 -14.41 -9.29 12.58
N ILE A 528 -13.71 -8.84 11.55
CA ILE A 528 -14.04 -7.55 10.96
C ILE A 528 -15.19 -7.70 9.96
N ASP A 529 -15.12 -8.70 9.07
CA ASP A 529 -16.02 -8.75 7.92
C ASP A 529 -16.86 -10.01 7.79
N GLY A 530 -16.87 -10.89 8.80
CA GLY A 530 -17.70 -12.08 8.71
C GLY A 530 -19.18 -11.74 8.69
N ARG A 531 -19.95 -12.53 7.93
CA ARG A 531 -21.39 -12.31 7.85
C ARG A 531 -22.15 -13.10 8.92
N GLN A 532 -21.72 -14.32 9.19
CA GLN A 532 -22.29 -15.07 10.30
C GLN A 532 -21.29 -16.11 10.80
N PRO A 533 -20.84 -16.04 12.07
CA PRO A 533 -21.15 -15.05 13.12
C PRO A 533 -20.84 -13.63 12.65
N PRO A 534 -21.79 -12.70 12.78
CA PRO A 534 -21.58 -11.36 12.21
C PRO A 534 -20.44 -10.61 12.88
N GLY A 535 -19.61 -9.97 12.05
CA GLY A 535 -18.46 -9.24 12.53
C GLY A 535 -18.75 -7.77 12.78
N ILE A 536 -17.67 -7.03 13.08
CA ILE A 536 -17.77 -5.60 13.37
C ILE A 536 -18.53 -4.87 12.27
N LEU A 537 -18.15 -5.11 11.01
CA LEU A 537 -18.75 -4.36 9.92
C LEU A 537 -20.21 -4.74 9.69
N ALA A 538 -20.59 -5.98 10.02
CA ALA A 538 -21.97 -6.40 9.91
C ALA A 538 -22.82 -5.79 11.02
N LEU A 539 -22.32 -5.81 12.26
CA LEU A 539 -23.03 -5.15 13.36
C LEU A 539 -23.12 -3.64 13.13
N LEU A 540 -22.08 -3.04 12.55
CA LEU A 540 -22.16 -1.63 12.19
C LEU A 540 -23.30 -1.37 11.22
N ASP A 541 -23.36 -2.15 10.13
CA ASP A 541 -24.42 -1.96 9.14
C ASP A 541 -25.80 -2.08 9.78
N GLU A 542 -26.03 -3.17 10.54
CA GLU A 542 -27.27 -3.37 11.25
C GLU A 542 -27.65 -2.12 12.06
N GLN A 543 -26.70 -1.57 12.81
CA GLN A 543 -26.99 -0.40 13.63
C GLN A 543 -27.27 0.82 12.76
N SER A 544 -26.62 0.90 11.59
CA SER A 544 -26.73 2.09 10.76
C SER A 544 -28.10 2.27 10.14
N VAL A 545 -28.87 1.18 10.01
CA VAL A 545 -30.22 1.29 9.47
C VAL A 545 -31.30 1.19 10.55
N PHE A 546 -30.92 1.05 11.83
CA PHE A 546 -31.89 0.97 12.92
C PHE A 546 -32.15 2.37 13.46
N PRO A 547 -33.41 2.85 13.51
CA PRO A 547 -33.63 4.30 13.71
C PRO A 547 -33.31 4.82 15.09
N ASN A 548 -33.25 3.97 16.11
CA ASN A 548 -32.96 4.42 17.47
C ASN A 548 -31.50 4.19 17.86
N ALA A 549 -30.63 3.86 16.90
CA ALA A 549 -29.26 3.51 17.22
C ALA A 549 -28.41 4.76 17.46
N THR A 550 -27.41 4.60 18.33
CA THR A 550 -26.45 5.65 18.61
C THR A 550 -25.04 5.07 18.63
N ASP A 551 -24.05 5.94 18.79
CA ASP A 551 -22.68 5.46 18.90
C ASP A 551 -22.53 4.53 20.09
N ASN A 552 -23.26 4.77 21.18
CA ASN A 552 -23.12 3.94 22.37
C ASN A 552 -23.95 2.66 22.30
N THR A 553 -25.10 2.67 21.62
CA THR A 553 -25.76 1.39 21.38
C THR A 553 -24.93 0.52 20.44
N LEU A 554 -24.08 1.14 19.59
CA LEU A 554 -23.23 0.37 18.70
C LEU A 554 -22.08 -0.31 19.46
N ILE A 555 -21.32 0.45 20.26
CA ILE A 555 -20.19 -0.19 20.91
C ILE A 555 -20.68 -1.19 21.96
N THR A 556 -21.80 -0.89 22.62
CA THR A 556 -22.42 -1.88 23.50
C THR A 556 -22.69 -3.18 22.76
N LYS A 557 -23.21 -3.09 21.53
CA LYS A 557 -23.49 -4.29 20.75
C LYS A 557 -22.21 -5.00 20.36
N LEU A 558 -21.16 -4.25 20.00
CA LEU A 558 -19.88 -4.86 19.68
C LEU A 558 -19.28 -5.58 20.88
N HIS A 559 -19.34 -4.96 22.07
CA HIS A 559 -18.79 -5.62 23.25
C HIS A 559 -19.52 -6.93 23.55
N SER A 560 -20.86 -6.90 23.49
CA SER A 560 -21.62 -8.10 23.83
C SER A 560 -21.29 -9.25 22.89
N HIS A 561 -21.01 -8.95 21.62
CA HIS A 561 -20.77 -10.02 20.67
C HIS A 561 -19.36 -10.58 20.80
N PHE A 562 -18.39 -9.73 21.14
CA PHE A 562 -16.99 -10.11 21.03
C PHE A 562 -16.18 -10.00 22.31
N SER A 563 -16.63 -9.25 23.32
CA SER A 563 -15.83 -9.12 24.53
C SER A 563 -15.72 -10.50 25.17
N LYS A 564 -14.50 -11.06 25.22
CA LYS A 564 -14.25 -12.34 25.88
C LYS A 564 -14.92 -13.51 25.15
N LYS A 565 -15.26 -13.31 23.86
CA LYS A 565 -15.72 -14.35 22.97
C LYS A 565 -14.91 -14.45 21.67
N ASN A 566 -14.10 -13.44 21.35
CA ASN A 566 -13.20 -13.46 20.20
C ASN A 566 -11.82 -13.05 20.70
N ALA A 567 -10.81 -13.88 20.41
CA ALA A 567 -9.47 -13.65 20.92
C ALA A 567 -8.78 -12.47 20.26
N LYS A 568 -9.25 -12.03 19.09
CA LYS A 568 -8.67 -10.87 18.42
C LYS A 568 -9.30 -9.56 18.84
N TYR A 569 -10.16 -9.60 19.85
CA TYR A 569 -10.97 -8.45 20.25
C TYR A 569 -10.78 -8.19 21.74
N GLU A 570 -10.67 -6.92 22.12
CA GLU A 570 -10.52 -6.54 23.52
C GLU A 570 -11.49 -5.43 23.85
N GLU A 571 -12.29 -5.63 24.89
CA GLU A 571 -13.03 -4.55 25.50
C GLU A 571 -12.14 -3.91 26.55
N PRO A 572 -11.69 -2.67 26.35
CA PRO A 572 -10.75 -2.08 27.31
C PRO A 572 -11.43 -1.74 28.63
N ARG A 573 -10.67 -1.86 29.72
CA ARG A 573 -11.14 -1.46 31.03
C ARG A 573 -11.04 0.04 31.26
N PHE A 574 -10.31 0.77 30.41
CA PHE A 574 -10.04 2.19 30.61
C PHE A 574 -10.94 3.09 29.78
N SER A 575 -11.85 2.53 28.99
CA SER A 575 -12.71 3.36 28.16
C SER A 575 -14.04 2.68 27.92
N LYS A 576 -15.03 3.51 27.59
CA LYS A 576 -16.37 3.03 27.22
C LYS A 576 -16.75 3.37 25.78
N THR A 577 -15.84 3.98 25.01
CA THR A 577 -16.09 4.28 23.60
C THR A 577 -15.03 3.67 22.67
N GLU A 578 -14.15 2.83 23.18
CA GLU A 578 -13.06 2.27 22.39
C GLU A 578 -13.12 0.75 22.43
N PHE A 579 -12.71 0.12 21.32
CA PHE A 579 -12.52 -1.32 21.27
C PHE A 579 -11.21 -1.59 20.55
N GLY A 580 -10.58 -2.70 20.90
CA GLY A 580 -9.26 -3.06 20.37
C GLY A 580 -9.35 -4.23 19.41
N VAL A 581 -8.67 -4.10 18.28
CA VAL A 581 -8.50 -5.19 17.32
C VAL A 581 -7.01 -5.51 17.25
N THR A 582 -6.68 -6.80 17.36
CA THR A 582 -5.30 -7.25 17.24
C THR A 582 -5.03 -7.61 15.78
N HIS A 583 -4.32 -6.73 15.08
CA HIS A 583 -3.95 -6.95 13.69
C HIS A 583 -2.59 -7.65 13.60
N TYR A 584 -2.27 -8.15 12.40
CA TYR A 584 -0.96 -8.75 12.19
C TYR A 584 0.16 -7.81 12.59
N ALA A 585 -0.03 -6.50 12.38
CA ALA A 585 0.98 -5.50 12.66
C ALA A 585 0.89 -4.92 14.07
N GLY A 586 -0.10 -5.33 14.86
CA GLY A 586 -0.19 -4.87 16.23
C GLY A 586 -1.62 -4.52 16.63
N GLN A 587 -1.84 -4.41 17.94
CA GLN A 587 -3.18 -4.05 18.41
C GLN A 587 -3.46 -2.58 18.15
N VAL A 588 -4.68 -2.30 17.67
CA VAL A 588 -5.17 -0.95 17.45
C VAL A 588 -6.43 -0.77 18.29
N MET A 589 -6.57 0.41 18.88
CA MET A 589 -7.71 0.77 19.72
C MET A 589 -8.51 1.83 18.96
N TYR A 590 -9.79 1.57 18.73
CA TYR A 590 -10.62 2.38 17.84
C TYR A 590 -11.67 3.15 18.64
N GLU A 591 -11.79 4.44 18.36
CA GLU A 591 -12.78 5.30 18.99
C GLU A 591 -14.05 5.33 18.15
N ILE A 592 -15.19 5.01 18.78
CA ILE A 592 -16.42 4.73 18.04
C ILE A 592 -17.20 5.97 17.66
N GLN A 593 -16.80 7.13 18.16
CA GLN A 593 -17.51 8.37 17.86
C GLN A 593 -17.71 8.54 16.36
N ASP A 594 -18.96 8.80 15.97
CA ASP A 594 -19.38 9.22 14.64
C ASP A 594 -19.41 8.08 13.63
N TRP A 595 -19.25 6.83 14.07
CA TRP A 595 -19.17 5.75 13.09
C TRP A 595 -20.48 5.60 12.34
N LEU A 596 -21.62 5.76 13.03
CA LEU A 596 -22.91 5.61 12.35
C LEU A 596 -23.04 6.60 11.20
N GLU A 597 -22.80 7.88 11.48
CA GLU A 597 -22.86 8.88 10.42
C GLU A 597 -21.84 8.62 9.32
N LYS A 598 -20.65 8.13 9.67
CA LYS A 598 -19.65 7.86 8.64
C LYS A 598 -20.08 6.72 7.74
N ASN A 599 -20.73 5.70 8.31
CA ASN A 599 -21.22 4.58 7.53
C ASN A 599 -22.42 4.96 6.68
N LYS A 600 -23.33 5.79 7.22
CA LYS A 600 -24.51 6.18 6.44
C LYS A 600 -24.15 7.16 5.33
N ASP A 601 -23.18 8.05 5.58
CA ASP A 601 -22.75 9.06 4.63
C ASP A 601 -23.91 9.94 4.14
N PRO A 602 -24.66 10.56 5.04
CA PRO A 602 -25.85 11.31 4.63
C PRO A 602 -25.52 12.66 4.01
N LEU A 603 -26.47 13.14 3.20
CA LEU A 603 -26.47 14.49 2.65
C LEU A 603 -27.92 14.91 2.42
N GLN A 604 -28.29 16.04 3.02
CA GLN A 604 -29.63 16.59 2.82
C GLN A 604 -29.92 16.69 1.33
N GLN A 605 -31.13 16.23 0.93
CA GLN A 605 -31.45 16.28 -0.48
C GLN A 605 -31.60 17.73 -0.95
N ASP A 606 -32.10 18.60 -0.08
CA ASP A 606 -32.21 20.01 -0.45
C ASP A 606 -30.84 20.59 -0.80
N LEU A 607 -29.78 20.13 -0.15
CA LEU A 607 -28.45 20.54 -0.56
C LEU A 607 -28.15 20.05 -1.97
N GLU A 608 -28.52 18.80 -2.27
CA GLU A 608 -28.30 18.26 -3.61
C GLU A 608 -29.10 19.03 -4.64
N LEU A 609 -30.39 19.28 -4.37
CA LEU A 609 -31.23 20.04 -5.29
C LEU A 609 -30.60 21.39 -5.61
N CYS A 610 -30.08 22.07 -4.58
CA CYS A 610 -29.47 23.39 -4.80
C CYS A 610 -28.32 23.34 -5.78
N PHE A 611 -27.51 22.27 -5.75
CA PHE A 611 -26.28 22.27 -6.53
C PHE A 611 -26.42 21.70 -7.93
N LYS A 612 -27.48 20.96 -8.18
CA LYS A 612 -27.71 20.50 -9.53
C LYS A 612 -28.24 21.67 -10.41
N ASP A 613 -28.68 22.73 -9.80
CA ASP A 613 -29.00 23.97 -10.51
C ASP A 613 -27.79 24.85 -10.71
N SER A 614 -26.58 24.32 -10.51
CA SER A 614 -25.38 25.12 -10.58
C SER A 614 -25.04 25.46 -12.03
N SER A 615 -24.60 26.69 -12.24
CA SER A 615 -24.22 27.15 -13.57
C SER A 615 -22.84 26.69 -13.99
N ASP A 616 -22.07 26.08 -13.09
CA ASP A 616 -20.74 25.56 -13.42
C ASP A 616 -20.89 24.13 -13.97
N ASN A 617 -20.28 23.88 -15.12
CA ASN A 617 -20.50 22.60 -15.80
C ASN A 617 -19.84 21.44 -15.07
N VAL A 618 -18.73 21.68 -14.37
CA VAL A 618 -18.14 20.60 -13.59
C VAL A 618 -18.99 20.31 -12.36
N VAL A 619 -19.47 21.38 -11.69
CA VAL A 619 -20.29 21.18 -10.49
C VAL A 619 -21.59 20.47 -10.85
N THR A 620 -22.25 20.91 -11.92
CA THR A 620 -23.47 20.26 -12.34
C THR A 620 -23.20 18.81 -12.72
N LYS A 621 -22.03 18.49 -13.26
CA LYS A 621 -21.79 17.09 -13.58
C LYS A 621 -21.69 16.29 -12.27
N LEU A 622 -21.09 16.85 -11.20
CA LEU A 622 -20.88 16.08 -9.97
C LEU A 622 -22.18 15.72 -9.24
N PHE A 623 -23.27 16.45 -9.49
CA PHE A 623 -24.54 16.18 -8.86
C PHE A 623 -25.58 15.61 -9.82
N ASN A 624 -25.24 15.45 -11.10
CA ASN A 624 -26.20 14.90 -12.08
C ASN A 624 -25.72 13.63 -12.76
N ASP A 625 -24.42 13.44 -12.93
CA ASP A 625 -23.89 12.17 -13.43
C ASP A 625 -24.28 11.07 -12.46
N PRO A 626 -25.07 10.08 -12.89
CA PRO A 626 -25.48 9.03 -11.93
C PRO A 626 -24.33 8.18 -11.43
N ASN A 627 -23.26 8.06 -12.23
CA ASN A 627 -22.09 7.30 -11.78
C ASN A 627 -21.42 7.97 -10.59
N ILE A 628 -21.48 9.29 -10.51
CA ILE A 628 -20.84 10.05 -9.46
C ILE A 628 -21.81 10.43 -8.35
N ALA A 629 -23.05 10.75 -8.71
CA ALA A 629 -24.02 11.34 -7.79
C ALA A 629 -24.98 10.31 -7.19
N SER A 630 -25.50 9.40 -7.99
CA SER A 630 -26.48 8.45 -7.50
C SER A 630 -25.80 7.38 -6.64
N ARG A 631 -26.63 6.60 -5.95
CA ARG A 631 -26.18 5.70 -4.91
C ARG A 631 -27.01 4.42 -4.90
N ALA A 632 -26.34 3.29 -4.76
CA ALA A 632 -27.00 2.00 -4.83
C ALA A 632 -27.87 1.77 -3.61
N LYS A 633 -29.04 1.17 -3.82
CA LYS A 633 -29.96 0.79 -2.76
C LYS A 633 -29.87 -0.71 -2.54
N LYS A 634 -29.65 -1.11 -1.30
CA LYS A 634 -29.59 -2.53 -0.91
C LYS A 634 -30.83 -2.76 -0.04
N GLY A 635 -31.94 -3.10 -0.68
CA GLY A 635 -33.20 -3.23 0.04
C GLY A 635 -33.89 -1.89 0.16
N ALA A 636 -34.25 -1.52 1.39
CA ALA A 636 -34.97 -0.28 1.62
C ALA A 636 -34.05 0.92 1.82
N ASN A 637 -32.79 0.70 2.17
CA ASN A 637 -31.85 1.77 2.46
C ASN A 637 -30.75 1.81 1.41
N PHE A 638 -30.01 2.91 1.41
CA PHE A 638 -28.80 3.00 0.61
C PHE A 638 -27.76 2.02 1.13
N ILE A 639 -26.91 1.54 0.23
CA ILE A 639 -25.77 0.74 0.65
C ILE A 639 -24.89 1.60 1.57
N THR A 640 -24.34 0.96 2.60
CA THR A 640 -23.45 1.67 3.49
C THR A 640 -22.04 1.72 2.91
N VAL A 641 -21.20 2.59 3.50
CA VAL A 641 -19.79 2.65 3.12
C VAL A 641 -19.13 1.31 3.38
N ALA A 642 -19.33 0.74 4.56
CA ALA A 642 -18.75 -0.57 4.86
C ALA A 642 -19.13 -1.59 3.80
N ALA A 643 -20.43 -1.71 3.51
CA ALA A 643 -20.89 -2.79 2.63
C ALA A 643 -20.35 -2.63 1.23
N GLN A 644 -20.28 -1.39 0.76
CA GLN A 644 -19.77 -1.14 -0.58
C GLN A 644 -18.29 -1.49 -0.64
N TYR A 645 -17.48 -0.89 0.24
CA TYR A 645 -16.06 -1.11 0.15
C TYR A 645 -15.71 -2.57 0.24
N LYS A 646 -16.36 -3.29 1.16
CA LYS A 646 -16.08 -4.71 1.31
C LYS A 646 -16.25 -5.43 -0.03
N GLU A 647 -17.30 -5.08 -0.77
CA GLU A 647 -17.50 -5.70 -2.08
C GLU A 647 -16.47 -5.20 -3.09
N GLN A 648 -16.18 -3.90 -3.08
CA GLN A 648 -15.16 -3.36 -3.97
C GLN A 648 -13.85 -4.13 -3.79
N LEU A 649 -13.45 -4.35 -2.53
CA LEU A 649 -12.21 -5.06 -2.23
C LEU A 649 -12.30 -6.52 -2.64
N ALA A 650 -13.43 -7.17 -2.37
CA ALA A 650 -13.59 -8.57 -2.75
C ALA A 650 -13.44 -8.75 -4.25
N SER A 651 -13.97 -7.81 -5.04
CA SER A 651 -13.77 -7.85 -6.47
C SER A 651 -12.30 -7.70 -6.83
N LEU A 652 -11.60 -6.80 -6.16
CA LEU A 652 -10.17 -6.64 -6.41
C LEU A 652 -9.43 -7.94 -6.11
N MET A 653 -9.75 -8.58 -4.98
CA MET A 653 -9.08 -9.83 -4.63
C MET A 653 -9.35 -10.90 -5.67
N ALA A 654 -10.57 -10.94 -6.22
CA ALA A 654 -10.89 -11.91 -7.25
C ALA A 654 -9.98 -11.75 -8.46
N THR A 655 -9.73 -10.51 -8.87
CA THR A 655 -8.80 -10.24 -9.96
C THR A 655 -7.40 -10.74 -9.64
N LEU A 656 -6.88 -10.37 -8.47
CA LEU A 656 -5.52 -10.77 -8.13
C LEU A 656 -5.36 -12.28 -8.14
N GLU A 657 -6.31 -13.01 -7.52
CA GLU A 657 -6.24 -14.48 -7.46
C GLU A 657 -6.53 -15.13 -8.80
N GLY A 658 -7.22 -14.41 -9.68
CA GLY A 658 -7.53 -14.96 -10.97
C GLY A 658 -6.39 -14.82 -11.95
N GLY A 659 -5.57 -13.80 -11.80
CA GLY A 659 -4.42 -13.64 -12.66
C GLY A 659 -3.28 -14.57 -12.27
N GLY A 660 -2.13 -14.34 -12.89
CA GLY A 660 -0.93 -15.08 -12.57
C GLY A 660 -0.50 -14.89 -11.13
N ASN A 661 0.44 -15.74 -10.72
CA ASN A 661 0.99 -15.66 -9.37
C ASN A 661 1.45 -14.23 -9.07
N PRO A 662 1.17 -13.71 -7.87
CA PRO A 662 1.52 -12.33 -7.58
C PRO A 662 3.01 -12.15 -7.35
N HIS A 663 3.51 -10.98 -7.75
CA HIS A 663 4.86 -10.53 -7.44
C HIS A 663 4.79 -9.60 -6.24
N PHE A 664 5.54 -9.92 -5.19
CA PHE A 664 5.45 -9.19 -3.93
C PHE A 664 6.69 -8.34 -3.70
N VAL A 665 6.47 -7.07 -3.36
CA VAL A 665 7.50 -6.19 -2.84
C VAL A 665 7.09 -5.80 -1.42
N ARG A 666 7.89 -6.21 -0.44
CA ARG A 666 7.67 -5.84 0.96
C ARG A 666 8.48 -4.56 1.23
N CYS A 667 7.77 -3.43 1.36
CA CYS A 667 8.41 -2.18 1.72
C CYS A 667 8.58 -2.11 3.23
N ILE A 668 9.75 -1.65 3.66
CA ILE A 668 10.14 -1.63 5.07
C ILE A 668 10.54 -0.21 5.44
N ILE A 669 9.99 0.28 6.55
CA ILE A 669 10.34 1.60 7.07
C ILE A 669 11.51 1.45 8.05
N PRO A 670 12.57 2.28 7.95
CA PRO A 670 13.74 2.08 8.81
C PRO A 670 13.52 2.63 10.21
N ASN A 671 12.66 3.64 10.31
CA ASN A 671 12.44 4.33 11.57
C ASN A 671 11.15 5.12 11.49
N ASN A 672 10.73 5.66 12.63
CA ASN A 672 9.49 6.40 12.74
C ASN A 672 9.70 7.90 12.75
N LYS A 673 10.88 8.36 12.31
CA LYS A 673 11.22 9.78 12.32
C LYS A 673 11.38 10.35 10.92
N GLN A 674 11.10 9.56 9.88
CA GLN A 674 11.29 9.97 8.49
C GLN A 674 12.69 10.57 8.26
N LEU A 675 13.72 9.81 8.61
CA LEU A 675 15.07 10.32 8.45
C LEU A 675 15.99 9.29 7.81
N PRO A 676 16.96 9.74 7.02
CA PRO A 676 17.90 8.80 6.41
C PRO A 676 18.96 8.35 7.38
N ALA A 677 19.59 7.23 7.03
CA ALA A 677 20.79 6.73 7.69
C ALA A 677 20.55 6.44 9.17
N LYS A 678 19.30 6.17 9.56
CA LYS A 678 19.02 5.69 10.91
C LYS A 678 18.15 4.44 10.80
N LEU A 679 18.80 3.28 10.65
CA LEU A 679 18.11 2.00 10.60
C LEU A 679 18.01 1.43 12.00
N GLU A 680 16.81 1.40 12.56
CA GLU A 680 16.58 1.04 13.95
C GLU A 680 16.23 -0.44 14.09
N ASP A 681 16.79 -1.13 15.03
CA ASP A 681 16.55 -2.54 15.07
C ASP A 681 15.14 -2.93 15.48
N LYS A 682 14.58 -2.30 16.48
CA LYS A 682 13.25 -2.72 16.92
C LYS A 682 12.20 -2.49 15.84
N VAL A 683 12.28 -1.34 15.17
CA VAL A 683 11.28 -1.00 14.16
C VAL A 683 11.34 -1.97 12.98
N VAL A 684 12.56 -2.34 12.55
CA VAL A 684 12.68 -3.16 11.34
C VAL A 684 12.24 -4.60 11.61
N LEU A 685 12.69 -5.18 12.74
CA LEU A 685 12.35 -6.56 13.07
C LEU A 685 10.88 -6.76 13.37
N ASP A 686 10.21 -5.73 13.88
CA ASP A 686 8.76 -5.80 14.02
C ASP A 686 8.11 -6.06 12.67
N GLN A 687 8.53 -5.32 11.64
CA GLN A 687 7.92 -5.48 10.33
C GLN A 687 8.35 -6.79 9.69
N LEU A 688 9.57 -7.23 9.92
CA LEU A 688 10.02 -8.49 9.34
C LEU A 688 9.26 -9.67 9.93
N ARG A 689 8.92 -9.61 11.21
CA ARG A 689 8.16 -10.69 11.82
C ARG A 689 6.72 -10.72 11.31
N CYS A 690 6.03 -9.57 11.36
CA CYS A 690 4.61 -9.58 11.03
C CYS A 690 4.37 -9.70 9.53
N ASN A 691 5.34 -9.28 8.70
CA ASN A 691 5.23 -9.53 7.27
C ASN A 691 5.46 -11.00 6.92
N GLY A 692 6.05 -11.77 7.83
CA GLY A 692 6.42 -13.14 7.52
C GLY A 692 7.58 -13.28 6.54
N VAL A 693 8.64 -12.48 6.71
CA VAL A 693 9.76 -12.52 5.79
C VAL A 693 10.61 -13.77 6.01
N LEU A 694 11.04 -14.01 7.25
CA LEU A 694 11.86 -15.19 7.50
C LEU A 694 11.13 -16.46 7.14
N GLU A 695 9.83 -16.53 7.45
CA GLU A 695 9.04 -17.69 7.04
C GLU A 695 8.99 -17.81 5.53
N GLY A 696 8.87 -16.68 4.83
CA GLY A 696 8.91 -16.70 3.38
C GLY A 696 10.25 -17.15 2.83
N ILE A 697 11.32 -16.89 3.57
CA ILE A 697 12.62 -17.42 3.18
C ILE A 697 12.68 -18.91 3.46
N ARG A 698 12.21 -19.33 4.65
CA ARG A 698 12.31 -20.73 5.03
C ARG A 698 11.58 -21.63 4.05
N ILE A 699 10.42 -21.20 3.56
CA ILE A 699 9.65 -22.06 2.66
C ILE A 699 10.39 -22.24 1.34
N THR A 700 11.15 -21.23 0.92
CA THR A 700 11.90 -21.34 -0.31
C THR A 700 13.09 -22.29 -0.16
N ARG A 701 13.75 -22.26 1.00
CA ARG A 701 14.92 -23.11 1.22
C ARG A 701 14.50 -24.57 1.43
N LYS A 702 13.49 -24.81 2.27
CA LYS A 702 13.11 -26.17 2.61
C LYS A 702 12.22 -26.81 1.54
N GLY A 703 11.64 -26.02 0.66
CA GLY A 703 10.76 -26.52 -0.37
C GLY A 703 11.42 -26.63 -1.73
N PHE A 704 10.59 -26.75 -2.76
CA PHE A 704 11.01 -26.89 -4.15
C PHE A 704 10.31 -25.78 -4.92
N PRO A 705 10.88 -24.58 -4.94
CA PRO A 705 10.15 -23.45 -5.56
C PRO A 705 10.02 -23.57 -7.06
N ASN A 706 11.06 -24.06 -7.73
CA ASN A 706 11.08 -24.18 -9.19
C ASN A 706 10.68 -25.60 -9.58
N ARG A 707 9.56 -25.71 -10.30
CA ARG A 707 9.02 -26.99 -10.75
C ARG A 707 8.60 -26.86 -12.20
N ILE A 708 8.74 -27.95 -12.91
CA ILE A 708 8.60 -27.93 -14.36
C ILE A 708 7.84 -29.18 -14.80
N ILE A 709 7.01 -29.03 -15.84
CA ILE A 709 6.30 -30.18 -16.40
C ILE A 709 7.32 -31.09 -17.09
N TYR A 710 7.19 -32.40 -16.86
CA TYR A 710 8.18 -33.35 -17.38
C TYR A 710 8.42 -33.13 -18.86
N ALA A 711 7.34 -33.25 -19.67
CA ALA A 711 7.50 -33.55 -21.08
C ALA A 711 8.27 -32.46 -21.83
N ASP A 712 8.15 -31.20 -21.34
CA ASP A 712 8.76 -29.97 -21.86
C ASP A 712 9.98 -29.49 -21.13
N PHE A 713 10.50 -30.27 -20.17
CA PHE A 713 11.82 -29.95 -19.66
C PHE A 713 12.85 -30.29 -20.70
N VAL A 714 12.79 -31.51 -21.21
CA VAL A 714 13.47 -31.82 -22.45
C VAL A 714 13.14 -30.75 -23.51
N LYS A 715 11.90 -30.21 -23.54
CA LYS A 715 11.58 -29.38 -24.69
C LYS A 715 12.53 -28.14 -24.66
N ARG A 716 12.74 -27.54 -23.48
CA ARG A 716 13.53 -26.29 -23.40
C ARG A 716 15.05 -26.54 -23.42
N TYR A 717 15.48 -27.73 -23.02
CA TYR A 717 16.89 -28.06 -22.93
C TYR A 717 17.14 -29.50 -23.39
N ASN A 723 18.77 -41.83 -27.77
CA ASN A 723 18.43 -41.56 -26.38
C ASN A 723 18.42 -40.06 -26.11
N VAL A 724 18.66 -39.28 -27.17
CA VAL A 724 18.83 -37.83 -27.05
C VAL A 724 17.53 -37.18 -26.58
N PRO A 725 17.59 -35.92 -26.15
CA PRO A 725 16.55 -35.39 -25.26
C PRO A 725 15.09 -35.36 -25.72
N ARG A 726 14.82 -34.71 -26.87
CA ARG A 726 13.49 -34.12 -27.10
C ARG A 726 12.44 -35.18 -27.49
N ASP A 727 11.18 -34.86 -27.19
CA ASP A 727 10.02 -35.68 -27.42
C ASP A 727 10.17 -37.18 -27.35
N ALA A 728 10.64 -37.65 -26.22
CA ALA A 728 10.66 -39.07 -26.01
C ALA A 728 9.24 -39.45 -25.57
N GLU A 729 8.86 -40.72 -25.62
CA GLU A 729 7.48 -41.13 -25.33
C GLU A 729 6.98 -40.71 -23.95
N ASP A 730 7.85 -40.79 -22.96
CA ASP A 730 7.55 -40.30 -21.62
C ASP A 730 8.88 -39.66 -21.10
N SER A 731 8.82 -38.43 -20.57
CA SER A 731 10.06 -37.74 -20.25
C SER A 731 10.47 -37.88 -18.80
N GLN A 732 9.61 -38.36 -17.90
CA GLN A 732 10.11 -38.57 -16.54
C GLN A 732 11.12 -39.73 -16.49
N LYS A 733 10.92 -40.76 -17.32
CA LYS A 733 11.97 -41.73 -17.59
C LYS A 733 13.19 -41.06 -18.22
N ALA A 734 12.95 -40.10 -19.11
CA ALA A 734 14.04 -39.45 -19.83
C ALA A 734 14.93 -38.64 -18.88
N THR A 735 14.33 -37.68 -18.16
CA THR A 735 15.00 -36.78 -17.19
C THR A 735 15.62 -37.51 -16.03
N ASP A 736 15.03 -38.65 -15.65
CA ASP A 736 15.73 -39.54 -14.73
C ASP A 736 17.10 -39.85 -15.30
N ALA A 737 17.15 -40.04 -16.61
CA ALA A 737 18.41 -40.25 -17.30
C ALA A 737 19.16 -38.94 -17.51
N VAL A 738 18.47 -37.88 -17.94
CA VAL A 738 19.15 -36.61 -18.20
C VAL A 738 19.95 -36.17 -16.98
N LEU A 739 19.31 -36.18 -15.80
CA LEU A 739 19.99 -35.73 -14.59
C LEU A 739 21.08 -36.71 -14.17
N LYS A 740 20.84 -38.02 -14.33
CA LYS A 740 21.80 -39.00 -13.86
C LYS A 740 23.08 -38.96 -14.69
N HIS A 741 22.96 -39.15 -16.00
CA HIS A 741 24.11 -39.00 -16.89
C HIS A 741 24.80 -37.68 -16.62
N LEU A 742 23.98 -36.68 -16.32
CA LEU A 742 24.44 -35.36 -16.02
C LEU A 742 25.00 -35.33 -14.59
N ASN A 743 25.76 -34.29 -14.28
CA ASN A 743 26.37 -34.20 -12.98
C ASN A 743 25.50 -33.57 -11.92
N ILE A 744 24.46 -34.25 -11.43
CA ILE A 744 23.66 -33.63 -10.36
C ILE A 744 22.98 -34.58 -9.34
N ASP A 745 22.99 -34.18 -8.07
CA ASP A 745 22.53 -34.97 -6.93
C ASP A 745 21.01 -35.10 -6.93
N PRO A 746 20.52 -36.25 -6.49
CA PRO A 746 19.07 -36.51 -6.51
C PRO A 746 18.32 -36.08 -5.26
N GLU A 747 18.97 -35.43 -4.30
CA GLU A 747 18.22 -34.79 -3.21
C GLU A 747 17.72 -33.42 -3.61
N GLN A 748 18.28 -32.82 -4.67
CA GLN A 748 17.92 -31.49 -5.11
C GLN A 748 16.76 -31.49 -6.11
N TYR A 749 16.11 -32.64 -6.32
CA TYR A 749 14.90 -32.68 -7.12
C TYR A 749 14.00 -33.78 -6.55
N ARG A 750 12.72 -33.72 -6.94
CA ARG A 750 11.75 -34.75 -6.59
C ARG A 750 10.85 -35.00 -7.78
N PHE A 751 10.46 -36.25 -7.96
CA PHE A 751 9.61 -36.67 -9.08
C PHE A 751 8.16 -36.63 -8.64
N GLY A 752 7.41 -35.65 -9.15
CA GLY A 752 6.00 -35.55 -8.87
C GLY A 752 5.15 -36.40 -9.79
N ILE A 753 3.84 -36.29 -9.61
CA ILE A 753 2.92 -36.95 -10.52
C ILE A 753 3.09 -36.41 -11.93
N THR A 754 3.17 -35.08 -12.06
CA THR A 754 3.18 -34.46 -13.38
C THR A 754 4.32 -33.46 -13.57
N LYS A 755 5.22 -33.31 -12.59
CA LYS A 755 6.22 -32.26 -12.67
C LYS A 755 7.54 -32.74 -12.09
N ILE A 756 8.60 -32.02 -12.43
CA ILE A 756 9.93 -32.26 -11.87
C ILE A 756 10.28 -31.12 -10.92
N PHE A 757 9.99 -31.30 -9.64
CA PHE A 757 10.25 -30.25 -8.66
C PHE A 757 11.75 -30.13 -8.41
N PHE A 758 12.21 -28.88 -8.28
CA PHE A 758 13.62 -28.60 -8.03
C PHE A 758 13.77 -27.81 -6.75
N ARG A 759 14.87 -28.08 -6.05
CA ARG A 759 15.19 -27.35 -4.84
C ARG A 759 15.68 -25.94 -5.18
N ALA A 760 15.93 -25.17 -4.13
CA ALA A 760 16.35 -23.79 -4.29
C ALA A 760 17.58 -23.68 -5.17
N GLY A 761 17.41 -22.99 -6.31
CA GLY A 761 18.51 -22.54 -7.12
C GLY A 761 18.95 -23.48 -8.23
N GLN A 762 18.61 -24.77 -8.15
CA GLN A 762 19.18 -25.74 -9.06
C GLN A 762 18.95 -25.34 -10.52
N LEU A 763 17.71 -24.99 -10.87
CA LEU A 763 17.40 -24.71 -12.27
C LEU A 763 18.18 -23.50 -12.78
N ALA A 764 18.13 -22.39 -12.03
CA ALA A 764 18.87 -21.20 -12.44
C ALA A 764 20.37 -21.43 -12.38
N ARG A 765 20.84 -22.28 -11.47
CA ARG A 765 22.27 -22.56 -11.41
C ARG A 765 22.73 -23.32 -12.65
N ILE A 766 21.97 -24.34 -13.06
CA ILE A 766 22.49 -25.29 -14.04
C ILE A 766 22.38 -24.74 -15.46
N GLU A 767 21.18 -24.30 -15.86
CA GLU A 767 20.90 -24.10 -17.27
C GLU A 767 21.74 -22.98 -17.89
N GLU A 768 22.35 -22.12 -17.07
CA GLU A 768 23.30 -21.15 -17.61
C GLU A 768 24.57 -21.84 -18.10
N ALA A 769 24.91 -23.03 -17.56
CA ALA A 769 25.94 -23.85 -18.21
C ALA A 769 25.40 -24.38 -19.52
N ARG A 770 24.13 -24.78 -19.55
CA ARG A 770 23.49 -24.93 -20.85
C ARG A 770 23.48 -23.59 -21.60
N GLU A 771 23.40 -22.40 -20.96
CA GLU A 771 23.41 -21.25 -21.86
C GLU A 771 24.84 -21.12 -22.48
N GLN A 772 25.88 -21.55 -21.76
CA GLN A 772 27.26 -21.37 -22.25
C GLN A 772 27.72 -22.50 -23.17
N ARG A 773 27.20 -23.72 -22.98
CA ARG A 773 27.50 -24.85 -23.82
C ARG A 773 26.92 -24.61 -25.21
#